data_3EQ6
#
_entry.id   3EQ6
#
_cell.length_a   57.028
_cell.length_b   98.041
_cell.length_c   116.660
_cell.angle_alpha   90.00
_cell.angle_beta   94.12
_cell.angle_gamma   90.00
#
_symmetry.space_group_name_H-M   'P 1 21 1'
#
loop_
_entity.id
_entity.type
_entity.pdbx_description
1 polymer 'Acyl-coenzyme A synthetase ACSM2A'
2 non-polymer 'ADENOSINE MONOPHOSPHATE'
3 non-polymer 'Butyryl Coenzyme A'
4 water water
#
_entity_poly.entity_id   1
_entity_poly.type   'polypeptide(L)'
_entity_poly.pdbx_seq_one_letter_code
;MGHHHHHHSSGVDLGTENLYFQSMSLQWGHQEVPAKFNFASDVLDHWADMEKAGKRPPSPALWWVNGKGKELMWNFRELS
ENSQQAANVLSGACGLQRGDRVAVVLPRVPEWWLVILGCIRAGLIFMPGTIQMKSTDILYRLQMSKAKAIVAGDEVIQEV
DTVASECPSLRIKLLVSEKSCDGWLNFKKLLNEASTTHHCVETGSQEASAIYFTSGTSGLPKMAEHSYSSLGLKAKMDAG
WTGLQASDIMWTISDTGWILNILCSLMEPWALGACTFVHLLPKFDPLVILKTLSSYPIKSMMGAPIVYRMLLQQDLSSYK
FPHLQNCVTVGESLLPETLENWRAQTGLDIRESYGQTETGLTCMVSKTMKIKPGYMGTAASCYDVQIIDDKGNVLPPGTE
GDIGIRVKPIRPIGIFSGYVDNPDKTAANIRGDFWLLGDRGIKDEDGYFQFMGRADDIINSSGYRIGPSEVENALMEHPA
VVETAVISSPDPVRGEVVKAFVVLASQFLSHDPEQLTKELQQHVKSVTAPYKYPRKIEFVLNLPKTVTGKIQRAKLRDKE
WKMSGKARAQ
;
_entity_poly.pdbx_strand_id   A,B
#
# COMPACT_ATOMS: atom_id res chain seq x y z
N HIS A 30 42.03 -31.07 0.11
CA HIS A 30 43.06 -30.64 -0.90
C HIS A 30 42.39 -30.29 -2.24
N GLN A 31 43.00 -29.33 -2.97
CA GLN A 31 42.52 -28.89 -4.30
C GLN A 31 43.61 -28.62 -5.34
N GLU A 32 43.26 -28.88 -6.61
CA GLU A 32 44.12 -28.69 -7.77
C GLU A 32 43.64 -27.56 -8.73
N VAL A 33 43.97 -26.32 -8.36
CA VAL A 33 43.59 -25.13 -9.13
C VAL A 33 44.78 -24.19 -9.30
N PRO A 34 44.65 -23.20 -10.18
CA PRO A 34 45.58 -22.07 -10.13
C PRO A 34 45.48 -21.34 -8.79
N ALA A 35 46.53 -20.63 -8.35
CA ALA A 35 46.48 -19.90 -7.08
C ALA A 35 45.42 -18.81 -7.10
N LYS A 36 45.23 -18.21 -8.27
CA LYS A 36 44.30 -17.11 -8.41
C LYS A 36 43.27 -17.38 -9.48
N PHE A 37 42.06 -16.86 -9.30
CA PHE A 37 41.08 -16.84 -10.37
C PHE A 37 40.06 -15.73 -10.11
N ASN A 38 39.49 -15.16 -11.19
CA ASN A 38 38.44 -14.18 -11.12
C ASN A 38 37.66 -14.22 -12.44
N PHE A 39 36.37 -14.51 -12.37
CA PHE A 39 35.58 -14.68 -13.58
C PHE A 39 35.70 -13.42 -14.45
N ALA A 40 35.67 -12.28 -13.80
CA ALA A 40 35.65 -11.00 -14.49
C ALA A 40 36.95 -10.76 -15.26
N SER A 41 38.08 -10.90 -14.58
CA SER A 41 39.36 -10.66 -15.28
C SER A 41 39.79 -11.85 -16.13
N ASP A 42 39.50 -13.04 -15.68
CA ASP A 42 39.94 -14.23 -16.42
C ASP A 42 38.98 -14.74 -17.52
N VAL A 43 37.72 -14.31 -17.51
CA VAL A 43 36.76 -14.76 -18.55
C VAL A 43 36.13 -13.55 -19.24
N LEU A 44 35.42 -12.74 -18.44
CA LEU A 44 34.69 -11.63 -19.01
C LEU A 44 35.63 -10.73 -19.77
N ASP A 45 36.63 -10.18 -19.12
CA ASP A 45 37.57 -9.29 -19.78
C ASP A 45 38.37 -9.90 -20.96
N HIS A 46 38.42 -11.23 -21.06
CA HIS A 46 38.97 -11.88 -22.24
CA HIS A 46 39.00 -11.83 -22.24
C HIS A 46 38.13 -11.52 -23.46
N TRP A 47 36.81 -11.57 -23.27
CA TRP A 47 35.89 -11.26 -24.38
C TRP A 47 35.86 -9.77 -24.71
N ALA A 48 36.01 -8.93 -23.70
CA ALA A 48 36.13 -7.50 -23.93
C ALA A 48 37.39 -7.18 -24.76
N ASP A 49 38.53 -7.76 -24.39
CA ASP A 49 39.81 -7.42 -25.05
C ASP A 49 39.79 -7.78 -26.54
N MET A 50 39.23 -8.93 -26.81
CA MET A 50 39.10 -9.47 -28.15
C MET A 50 38.32 -8.55 -29.10
N GLU A 51 37.23 -7.96 -28.60
CA GLU A 51 36.54 -6.91 -29.31
C GLU A 51 37.45 -5.69 -29.42
N LYS A 52 38.05 -5.25 -28.31
CA LYS A 52 38.95 -4.09 -28.33
C LYS A 52 40.03 -4.28 -29.38
N ALA A 53 40.55 -5.51 -29.46
CA ALA A 53 41.64 -5.86 -30.37
C ALA A 53 41.12 -6.15 -31.78
N GLY A 54 39.82 -6.09 -31.96
CA GLY A 54 39.26 -6.36 -33.29
C GLY A 54 39.42 -7.79 -33.76
N LYS A 55 39.72 -8.70 -32.84
CA LYS A 55 39.77 -10.12 -33.18
C LYS A 55 38.37 -10.78 -33.18
N ARG A 56 37.37 -10.10 -32.61
CA ARG A 56 35.99 -10.53 -32.72
C ARG A 56 35.15 -9.29 -32.89
N PRO A 57 34.08 -9.36 -33.69
CA PRO A 57 33.24 -8.18 -33.73
C PRO A 57 32.53 -8.02 -32.40
N PRO A 58 32.04 -6.80 -32.10
CA PRO A 58 31.26 -6.53 -30.91
C PRO A 58 30.12 -7.52 -30.84
N SER A 59 30.08 -8.30 -29.78
CA SER A 59 29.17 -9.42 -29.69
C SER A 59 28.25 -9.17 -28.52
N PRO A 60 26.98 -9.49 -28.68
CA PRO A 60 26.01 -9.31 -27.63
C PRO A 60 26.30 -10.17 -26.40
N ALA A 61 26.30 -9.56 -25.21
CA ALA A 61 26.52 -10.26 -23.94
C ALA A 61 25.25 -10.29 -23.11
N LEU A 62 24.66 -9.11 -22.90
CA LEU A 62 23.45 -8.97 -22.10
C LEU A 62 22.35 -8.26 -22.90
N TRP A 63 21.24 -8.93 -23.09
CA TRP A 63 20.10 -8.41 -23.78
C TRP A 63 18.90 -8.48 -22.81
N TRP A 64 18.44 -7.31 -22.37
CA TRP A 64 17.39 -7.18 -21.37
C TRP A 64 16.20 -6.53 -22.04
N VAL A 65 15.00 -6.99 -21.65
CA VAL A 65 13.71 -6.43 -22.11
C VAL A 65 12.77 -6.34 -20.92
N ASN A 66 11.89 -5.33 -20.88
CA ASN A 66 10.84 -5.26 -19.85
C ASN A 66 9.48 -5.75 -20.31
N GLY A 67 9.35 -6.16 -21.56
CA GLY A 67 8.05 -6.52 -22.07
C GLY A 67 7.15 -5.34 -22.39
N LYS A 68 7.51 -4.13 -21.98
CA LYS A 68 6.70 -2.91 -22.24
C LYS A 68 7.28 -2.03 -23.35
N GLY A 69 8.18 -2.57 -24.15
CA GLY A 69 8.83 -1.79 -25.18
C GLY A 69 10.22 -1.29 -24.87
N LYS A 70 10.72 -1.52 -23.65
CA LYS A 70 12.10 -1.11 -23.33
C LYS A 70 13.03 -2.31 -23.56
N GLU A 71 14.13 -2.10 -24.29
CA GLU A 71 15.16 -3.13 -24.48
C GLU A 71 16.52 -2.45 -24.31
N LEU A 72 17.47 -3.14 -23.68
CA LEU A 72 18.85 -2.70 -23.54
C LEU A 72 19.80 -3.86 -23.84
N MET A 73 20.89 -3.53 -24.53
CA MET A 73 21.92 -4.51 -24.84
C MET A 73 23.35 -3.99 -24.61
N TRP A 74 24.18 -4.78 -23.98
CA TRP A 74 25.60 -4.51 -23.83
C TRP A 74 26.34 -5.57 -24.60
N ASN A 75 27.28 -5.15 -25.46
CA ASN A 75 28.31 -6.09 -25.89
C ASN A 75 29.33 -6.30 -24.75
N PHE A 76 30.36 -7.07 -25.00
CA PHE A 76 31.30 -7.49 -23.97
C PHE A 76 32.21 -6.36 -23.46
N ARG A 77 32.59 -5.45 -24.32
CA ARG A 77 33.35 -4.27 -23.92
C ARG A 77 32.55 -3.36 -23.02
N GLU A 78 31.30 -3.16 -23.39
CA GLU A 78 30.38 -2.34 -22.65
C GLU A 78 30.08 -2.98 -21.31
N LEU A 79 29.72 -4.27 -21.32
CA LEU A 79 29.57 -5.04 -20.10
C LEU A 79 30.79 -4.87 -19.20
N SER A 80 31.96 -4.87 -19.80
CA SER A 80 33.18 -4.76 -19.04
C SER A 80 33.32 -3.37 -18.47
N GLU A 81 33.20 -2.39 -19.35
CA GLU A 81 33.33 -1.01 -18.96
C GLU A 81 32.32 -0.64 -17.86
N ASN A 82 31.08 -1.05 -18.06
CA ASN A 82 29.99 -0.68 -17.18
C ASN A 82 30.08 -1.37 -15.81
N SER A 83 30.52 -2.63 -15.76
CA SER A 83 30.73 -3.33 -14.51
C SER A 83 32.02 -2.82 -13.77
N GLN A 84 32.97 -2.26 -14.48
CA GLN A 84 34.10 -1.59 -13.85
C GLN A 84 33.61 -0.32 -13.19
N GLN A 85 32.67 0.34 -13.85
CA GLN A 85 31.97 1.41 -13.19
C GLN A 85 31.30 0.90 -11.92
N ALA A 86 30.62 -0.22 -12.04
CA ALA A 86 30.00 -0.86 -10.89
C ALA A 86 31.04 -0.99 -9.77
N ALA A 87 32.21 -1.56 -10.07
CA ALA A 87 33.23 -1.85 -9.06
C ALA A 87 33.69 -0.55 -8.36
N ASN A 88 33.92 0.49 -9.16
CA ASN A 88 34.33 1.80 -8.65
C ASN A 88 33.25 2.40 -7.77
N VAL A 89 31.98 2.13 -8.05
CA VAL A 89 30.91 2.59 -7.15
C VAL A 89 31.00 1.95 -5.77
N LEU A 90 31.19 0.63 -5.79
CA LEU A 90 31.20 -0.20 -4.60
C LEU A 90 32.48 0.09 -3.75
N SER A 91 33.64 0.17 -4.41
CA SER A 91 34.93 0.40 -3.73
C SER A 91 35.34 1.88 -3.52
N GLY A 92 34.94 2.75 -4.44
CA GLY A 92 35.29 4.16 -4.39
C GLY A 92 34.23 4.94 -3.66
N ALA A 93 33.07 5.06 -4.28
CA ALA A 93 32.05 5.88 -3.70
C ALA A 93 31.63 5.34 -2.34
N CYS A 94 31.32 4.05 -2.28
CA CYS A 94 30.85 3.42 -1.05
C CYS A 94 31.96 2.94 -0.16
N GLY A 95 33.20 2.99 -0.60
CA GLY A 95 34.31 2.57 0.27
C GLY A 95 34.37 1.10 0.70
N LEU A 96 33.59 0.22 0.07
CA LEU A 96 33.61 -1.18 0.44
C LEU A 96 34.98 -1.81 0.16
N GLN A 97 35.43 -2.70 1.05
CA GLN A 97 36.76 -3.26 1.00
C GLN A 97 36.77 -4.72 0.80
N ARG A 98 37.88 -5.20 0.26
CA ARG A 98 38.09 -6.58 -0.01
C ARG A 98 37.63 -7.39 1.17
N GLY A 99 36.74 -8.36 0.93
CA GLY A 99 36.22 -9.23 1.99
C GLY A 99 34.89 -8.79 2.61
N ASP A 100 34.46 -7.57 2.38
CA ASP A 100 33.21 -7.10 2.93
C ASP A 100 32.08 -7.82 2.20
N ARG A 101 30.96 -7.95 2.90
CA ARG A 101 29.81 -8.67 2.34
C ARG A 101 28.71 -7.72 1.97
N VAL A 102 28.16 -7.95 0.79
CA VAL A 102 27.16 -7.07 0.21
C VAL A 102 25.92 -7.87 -0.14
N ALA A 103 24.83 -7.57 0.55
CA ALA A 103 23.53 -8.19 0.28
C ALA A 103 23.01 -7.58 -1.00
N VAL A 104 22.42 -8.43 -1.86
CA VAL A 104 21.86 -8.01 -3.12
C VAL A 104 20.46 -8.56 -3.29
N VAL A 105 19.48 -7.65 -3.27
CA VAL A 105 18.08 -8.02 -3.34
C VAL A 105 17.39 -7.16 -4.44
N LEU A 106 17.50 -7.63 -5.68
CA LEU A 106 17.06 -6.91 -6.87
C LEU A 106 16.12 -7.76 -7.71
N PRO A 107 15.19 -7.12 -8.38
CA PRO A 107 14.39 -7.89 -9.38
C PRO A 107 15.25 -8.14 -10.61
N ARG A 108 14.65 -8.55 -11.72
CA ARG A 108 15.40 -8.87 -12.95
C ARG A 108 15.72 -7.65 -13.84
N VAL A 109 16.62 -6.80 -13.32
CA VAL A 109 17.09 -5.60 -13.98
C VAL A 109 18.57 -5.79 -14.23
N PRO A 110 19.11 -5.12 -15.25
CA PRO A 110 20.50 -5.31 -15.61
C PRO A 110 21.47 -5.05 -14.47
N GLU A 111 21.09 -4.14 -13.56
CA GLU A 111 21.98 -3.75 -12.47
C GLU A 111 22.36 -4.92 -11.58
N TRP A 112 21.57 -5.99 -11.58
CA TRP A 112 21.94 -7.16 -10.79
C TRP A 112 23.19 -7.76 -11.38
N TRP A 113 23.19 -7.94 -12.68
CA TRP A 113 24.36 -8.45 -13.33
C TRP A 113 25.55 -7.49 -13.16
N LEU A 114 25.31 -6.18 -13.28
CA LEU A 114 26.37 -5.19 -13.14
C LEU A 114 26.97 -5.20 -11.75
N VAL A 115 26.11 -5.32 -10.74
CA VAL A 115 26.50 -5.28 -9.34
C VAL A 115 27.30 -6.50 -8.97
N ILE A 116 26.82 -7.66 -9.41
CA ILE A 116 27.50 -8.90 -9.11
C ILE A 116 28.90 -8.89 -9.71
N LEU A 117 28.99 -8.51 -10.97
CA LEU A 117 30.28 -8.34 -11.59
C LEU A 117 31.15 -7.33 -10.79
N GLY A 118 30.51 -6.27 -10.33
CA GLY A 118 31.15 -5.22 -9.55
C GLY A 118 31.80 -5.77 -8.30
N CYS A 119 31.05 -6.62 -7.60
CA CYS A 119 31.54 -7.28 -6.43
C CYS A 119 32.72 -8.17 -6.76
N ILE A 120 32.61 -8.89 -7.87
CA ILE A 120 33.67 -9.81 -8.24
C ILE A 120 34.97 -9.03 -8.55
N ARG A 121 34.86 -7.87 -9.18
CA ARG A 121 36.04 -7.06 -9.49
C ARG A 121 36.68 -6.50 -8.25
N ALA A 122 35.83 -6.00 -7.35
CA ALA A 122 36.28 -5.34 -6.13
C ALA A 122 36.53 -6.32 -4.99
N GLY A 123 36.38 -7.61 -5.24
CA GLY A 123 36.68 -8.63 -4.26
C GLY A 123 35.75 -8.57 -3.09
N LEU A 124 34.49 -8.28 -3.39
CA LEU A 124 33.44 -8.19 -2.39
C LEU A 124 32.63 -9.49 -2.43
N ILE A 125 32.15 -9.97 -1.28
CA ILE A 125 31.40 -11.21 -1.21
C ILE A 125 29.96 -10.87 -1.45
N PHE A 126 29.40 -11.40 -2.55
CA PHE A 126 28.02 -11.02 -2.91
C PHE A 126 27.04 -12.01 -2.35
N MET A 127 25.89 -11.53 -1.87
CA MET A 127 24.93 -12.40 -1.17
C MET A 127 23.51 -12.23 -1.72
N PRO A 128 23.21 -12.94 -2.79
CA PRO A 128 21.92 -12.68 -3.43
C PRO A 128 20.78 -13.21 -2.61
N GLY A 129 19.66 -12.49 -2.63
CA GLY A 129 18.41 -12.99 -2.07
C GLY A 129 17.20 -12.57 -2.92
N THR A 130 16.02 -13.05 -2.55
CA THR A 130 14.85 -12.76 -3.37
C THR A 130 14.10 -11.54 -2.85
N ILE A 131 13.52 -10.77 -3.78
CA ILE A 131 12.64 -9.66 -3.45
C ILE A 131 11.33 -10.10 -2.80
N GLN A 132 11.05 -11.41 -2.73
CA GLN A 132 9.93 -11.94 -1.92
C GLN A 132 10.18 -11.85 -0.42
N MET A 133 11.42 -11.59 0.00
CA MET A 133 11.75 -11.54 1.43
C MET A 133 10.96 -10.48 2.14
N LYS A 134 10.67 -10.78 3.40
CA LYS A 134 10.06 -9.81 4.29
C LYS A 134 11.15 -9.28 5.21
N SER A 135 10.78 -8.30 6.02
CA SER A 135 11.71 -7.60 6.89
C SER A 135 12.52 -8.57 7.78
N THR A 136 11.86 -9.55 8.41
CA THR A 136 12.55 -10.48 9.27
C THR A 136 13.54 -11.35 8.54
N ASP A 137 13.18 -11.80 7.33
CA ASP A 137 14.09 -12.54 6.46
C ASP A 137 15.41 -11.73 6.28
N ILE A 138 15.23 -10.44 6.03
CA ILE A 138 16.32 -9.53 5.71
C ILE A 138 17.16 -9.22 6.92
N LEU A 139 16.50 -8.89 8.03
CA LEU A 139 17.22 -8.75 9.29
C LEU A 139 18.11 -9.97 9.57
N TYR A 140 17.53 -11.15 9.46
CA TYR A 140 18.23 -12.39 9.77
C TYR A 140 19.50 -12.50 8.97
N ARG A 141 19.44 -12.17 7.70
CA ARG A 141 20.61 -12.24 6.84
C ARG A 141 21.69 -11.17 7.12
N LEU A 142 21.26 -9.94 7.32
CA LEU A 142 22.20 -8.84 7.62
C LEU A 142 22.93 -9.04 8.98
N GLN A 143 22.15 -9.40 10.01
CA GLN A 143 22.73 -9.70 11.31
C GLN A 143 23.64 -10.91 11.25
N MET A 144 23.18 -12.02 10.67
CA MET A 144 24.00 -13.22 10.56
C MET A 144 25.29 -12.99 9.82
N SER A 145 25.19 -12.30 8.70
CA SER A 145 26.31 -12.15 7.79
C SER A 145 27.18 -10.97 8.20
N LYS A 146 26.65 -10.09 9.04
CA LYS A 146 27.30 -8.79 9.31
C LYS A 146 27.61 -8.06 7.96
N ALA A 147 26.67 -8.06 7.03
CA ALA A 147 26.85 -7.31 5.76
C ALA A 147 27.14 -5.87 6.05
N LYS A 148 27.97 -5.29 5.22
CA LYS A 148 28.29 -3.90 5.34
C LYS A 148 27.56 -3.06 4.38
N ALA A 149 26.89 -3.72 3.42
CA ALA A 149 26.22 -3.04 2.33
C ALA A 149 24.99 -3.85 1.96
N ILE A 150 23.95 -3.16 1.47
CA ILE A 150 22.85 -3.80 0.81
C ILE A 150 22.52 -3.00 -0.46
N VAL A 151 22.29 -3.72 -1.56
CA VAL A 151 21.94 -3.17 -2.84
C VAL A 151 20.53 -3.68 -3.10
N ALA A 152 19.59 -2.76 -3.09
CA ALA A 152 18.17 -3.10 -3.16
C ALA A 152 17.43 -2.24 -4.15
N GLY A 153 16.22 -2.69 -4.47
CA GLY A 153 15.28 -1.96 -5.30
C GLY A 153 14.04 -1.49 -4.54
N ASP A 154 13.05 -1.01 -5.27
CA ASP A 154 11.84 -0.44 -4.70
C ASP A 154 11.00 -1.46 -3.92
N GLU A 155 11.22 -2.72 -4.25
CA GLU A 155 10.43 -3.79 -3.71
C GLU A 155 10.65 -3.98 -2.22
N VAL A 156 11.90 -4.00 -1.76
CA VAL A 156 12.18 -4.30 -0.37
C VAL A 156 12.72 -3.13 0.44
N ILE A 157 12.81 -1.96 -0.16
CA ILE A 157 13.42 -0.80 0.51
C ILE A 157 12.76 -0.42 1.82
N GLN A 158 11.45 -0.49 1.85
CA GLN A 158 10.70 -0.16 3.04
C GLN A 158 11.06 -1.20 4.09
N GLU A 159 11.00 -2.44 3.64
CA GLU A 159 11.33 -3.57 4.45
C GLU A 159 12.69 -3.39 5.13
N VAL A 160 13.69 -3.07 4.32
CA VAL A 160 15.03 -2.87 4.82
C VAL A 160 15.07 -1.73 5.84
N ASP A 161 14.44 -0.62 5.49
CA ASP A 161 14.43 0.53 6.39
C ASP A 161 13.78 0.25 7.75
N THR A 162 12.83 -0.68 7.78
CA THR A 162 12.22 -1.14 9.03
C THR A 162 13.24 -1.71 10.00
N VAL A 163 14.29 -2.35 9.49
CA VAL A 163 15.22 -3.12 10.33
C VAL A 163 16.66 -2.65 10.31
N ALA A 164 17.02 -1.71 9.44
CA ALA A 164 18.41 -1.30 9.25
C ALA A 164 19.06 -0.85 10.55
N SER A 165 18.36 -0.08 11.37
CA SER A 165 18.94 0.41 12.63
C SER A 165 19.31 -0.72 13.58
N GLU A 166 18.80 -1.93 13.35
CA GLU A 166 19.17 -3.08 14.17
C GLU A 166 20.39 -3.82 13.63
N CYS A 167 21.06 -3.28 12.62
CA CYS A 167 22.20 -3.98 12.00
C CYS A 167 23.47 -3.13 12.09
N PRO A 168 24.24 -3.25 13.19
CA PRO A 168 25.33 -2.31 13.40
C PRO A 168 26.48 -2.41 12.44
N SER A 169 26.64 -3.53 11.72
CA SER A 169 27.69 -3.60 10.70
C SER A 169 27.27 -2.93 9.37
N LEU A 170 25.97 -2.66 9.19
CA LEU A 170 25.49 -2.13 7.90
C LEU A 170 25.80 -0.65 7.73
N ARG A 171 26.63 -0.36 6.75
CA ARG A 171 27.03 1.00 6.48
C ARG A 171 26.36 1.53 5.25
N ILE A 172 26.31 0.75 4.18
CA ILE A 172 25.93 1.24 2.86
C ILE A 172 24.60 0.62 2.35
N LYS A 173 23.71 1.50 1.91
CA LYS A 173 22.43 1.16 1.35
C LYS A 173 22.36 1.83 -0.01
N LEU A 174 22.39 1.01 -1.06
CA LEU A 174 22.45 1.46 -2.42
C LEU A 174 21.14 1.09 -3.05
N LEU A 175 20.43 2.05 -3.59
CA LEU A 175 19.12 1.79 -4.16
C LEU A 175 19.16 1.85 -5.68
N VAL A 176 18.63 0.80 -6.32
CA VAL A 176 18.50 0.74 -7.77
C VAL A 176 17.07 1.08 -8.08
N SER A 177 16.83 2.29 -8.58
CA SER A 177 15.47 2.83 -8.74
C SER A 177 15.44 4.06 -9.61
N GLU A 178 14.26 4.37 -10.14
CA GLU A 178 14.07 5.63 -10.81
C GLU A 178 13.91 6.76 -9.80
N LYS A 179 13.42 6.47 -8.60
CA LYS A 179 13.31 7.47 -7.53
C LYS A 179 14.63 7.53 -6.73
N SER A 180 14.85 8.63 -6.02
CA SER A 180 15.91 8.75 -5.01
C SER A 180 15.18 8.66 -3.70
N CYS A 181 15.90 8.40 -2.62
CA CYS A 181 15.26 8.26 -1.32
C CYS A 181 16.23 8.60 -0.18
N ASP A 182 15.73 9.28 0.84
CA ASP A 182 16.59 9.67 1.94
C ASP A 182 17.16 8.43 2.61
N GLY A 183 18.46 8.47 2.83
CA GLY A 183 19.14 7.35 3.47
C GLY A 183 19.66 6.29 2.53
N TRP A 184 19.35 6.40 1.24
CA TRP A 184 19.87 5.48 0.21
C TRP A 184 20.78 6.18 -0.80
N LEU A 185 21.95 5.64 -1.09
CA LEU A 185 22.78 6.09 -2.20
C LEU A 185 22.10 5.72 -3.53
N ASN A 186 22.30 6.56 -4.54
CA ASN A 186 21.68 6.38 -5.84
C ASN A 186 22.60 5.65 -6.78
N PHE A 187 22.30 4.35 -6.97
CA PHE A 187 23.18 3.48 -7.73
C PHE A 187 23.30 3.93 -9.16
N LYS A 188 22.17 4.04 -9.85
CA LYS A 188 22.21 4.41 -11.25
C LYS A 188 22.98 5.72 -11.49
N LYS A 189 22.89 6.69 -10.58
CA LYS A 189 23.60 7.99 -10.77
C LYS A 189 25.07 7.84 -10.51
N LEU A 190 25.42 7.10 -9.46
CA LEU A 190 26.83 6.96 -9.10
C LEU A 190 27.53 6.16 -10.18
N LEU A 191 26.82 5.20 -10.74
CA LEU A 191 27.32 4.32 -11.81
C LEU A 191 27.76 5.15 -12.99
N ASN A 192 26.82 5.94 -13.48
CA ASN A 192 27.09 6.89 -14.53
C ASN A 192 28.21 7.90 -14.28
N GLU A 193 28.44 8.24 -13.02
CA GLU A 193 29.53 9.15 -12.65
C GLU A 193 30.88 8.47 -12.51
N ALA A 194 30.91 7.14 -12.49
CA ALA A 194 32.13 6.40 -12.18
C ALA A 194 33.06 6.27 -13.38
N SER A 195 34.36 6.12 -13.13
CA SER A 195 35.34 5.74 -14.18
C SER A 195 35.02 4.36 -14.76
N THR A 196 35.24 4.19 -16.06
CA THR A 196 35.13 2.88 -16.71
C THR A 196 36.34 2.00 -16.54
N THR A 197 37.41 2.51 -15.91
CA THR A 197 38.60 1.71 -15.58
C THR A 197 38.63 1.37 -14.09
N HIS A 198 38.64 0.06 -13.77
CA HIS A 198 38.88 -0.40 -12.41
C HIS A 198 39.97 -1.45 -12.41
N HIS A 199 40.88 -1.42 -11.43
CA HIS A 199 41.90 -2.46 -11.35
C HIS A 199 41.32 -3.70 -10.62
N CYS A 200 41.14 -4.77 -11.38
CA CYS A 200 40.48 -5.95 -10.84
C CYS A 200 41.33 -6.56 -9.77
N VAL A 201 40.74 -6.91 -8.62
CA VAL A 201 41.50 -7.48 -7.50
C VAL A 201 42.04 -8.85 -7.87
N GLU A 202 43.28 -9.14 -7.47
CA GLU A 202 43.88 -10.43 -7.74
C GLU A 202 43.38 -11.43 -6.73
N THR A 203 42.12 -11.82 -6.90
CA THR A 203 41.46 -12.72 -5.98
C THR A 203 42.04 -14.11 -6.09
N GLY A 204 42.09 -14.80 -4.96
CA GLY A 204 42.59 -16.16 -4.87
C GLY A 204 41.49 -17.13 -5.27
N SER A 205 41.90 -18.24 -5.86
CA SER A 205 41.00 -19.35 -6.24
C SER A 205 40.09 -19.77 -5.14
N GLN A 206 40.60 -19.79 -3.92
CA GLN A 206 39.86 -20.36 -2.80
C GLN A 206 39.23 -19.27 -1.94
N GLU A 207 39.47 -18.01 -2.30
CA GLU A 207 38.99 -16.86 -1.56
C GLU A 207 37.43 -16.72 -1.70
N ALA A 208 36.75 -16.32 -0.61
CA ALA A 208 35.28 -16.23 -0.60
C ALA A 208 34.83 -15.24 -1.67
N SER A 209 33.84 -15.64 -2.47
CA SER A 209 33.24 -14.73 -3.46
C SER A 209 31.75 -14.50 -3.24
N ALA A 210 31.03 -15.52 -2.81
CA ALA A 210 29.58 -15.40 -2.66
C ALA A 210 29.11 -16.08 -1.39
N ILE A 211 28.05 -15.60 -0.76
CA ILE A 211 27.37 -16.41 0.23
C ILE A 211 25.93 -16.57 -0.24
N TYR A 212 25.42 -17.81 -0.26
CA TYR A 212 24.01 -18.07 -0.58
C TYR A 212 23.41 -18.71 0.62
N PHE A 213 22.37 -18.11 1.18
CA PHE A 213 21.68 -18.67 2.34
C PHE A 213 20.87 -19.88 1.87
N THR A 214 20.92 -20.96 2.63
CA THR A 214 20.35 -22.20 2.16
C THR A 214 19.60 -22.88 3.32
N SER A 215 18.41 -23.40 3.05
CA SER A 215 17.56 -23.95 4.07
C SER A 215 18.03 -25.36 4.50
N GLY A 216 17.79 -25.71 5.76
CA GLY A 216 18.24 -27.01 6.27
C GLY A 216 17.10 -27.84 6.84
N THR A 217 17.38 -29.11 7.10
CA THR A 217 16.39 -30.03 7.59
C THR A 217 15.77 -29.56 8.90
N SER A 218 16.52 -28.80 9.68
CA SER A 218 16.00 -28.16 10.89
C SER A 218 16.77 -26.87 11.13
N GLY A 219 16.16 -25.92 11.84
CA GLY A 219 16.73 -24.60 12.13
C GLY A 219 16.56 -23.65 10.97
N LEU A 220 17.26 -22.52 11.07
CA LEU A 220 17.13 -21.46 10.06
C LEU A 220 18.27 -21.47 9.07
N PRO A 221 18.17 -20.72 7.97
CA PRO A 221 19.12 -20.93 6.84
C PRO A 221 20.58 -20.65 7.12
N LYS A 222 21.46 -21.50 6.59
CA LYS A 222 22.88 -21.38 6.84
C LYS A 222 23.51 -20.64 5.70
N MET A 223 24.72 -20.15 5.92
CA MET A 223 25.43 -19.38 4.91
C MET A 223 26.39 -20.28 4.16
N ALA A 224 26.07 -20.61 2.91
CA ALA A 224 26.85 -21.47 2.03
C ALA A 224 27.83 -20.56 1.29
N GLU A 225 29.12 -20.77 1.51
CA GLU A 225 30.13 -19.91 0.95
C GLU A 225 30.76 -20.57 -0.24
N HIS A 226 30.79 -19.85 -1.35
CA HIS A 226 31.46 -20.29 -2.56
C HIS A 226 32.67 -19.42 -2.82
N SER A 227 33.70 -20.02 -3.38
CA SER A 227 34.91 -19.32 -3.84
C SER A 227 34.82 -18.76 -5.26
N TYR A 228 35.81 -17.94 -5.61
CA TYR A 228 35.99 -17.48 -7.01
C TYR A 228 36.10 -18.64 -8.01
N SER A 229 36.76 -19.73 -7.59
CA SER A 229 36.88 -20.91 -8.45
C SER A 229 35.59 -21.80 -8.45
N SER A 230 34.96 -21.95 -7.27
CA SER A 230 33.89 -22.91 -7.08
C SER A 230 32.67 -22.50 -7.94
N LEU A 231 32.53 -21.20 -8.17
CA LEU A 231 31.56 -20.67 -9.14
C LEU A 231 32.21 -20.50 -10.53
N GLY A 232 33.24 -19.68 -10.60
CA GLY A 232 33.76 -19.21 -11.90
C GLY A 232 34.58 -20.20 -12.73
N LEU A 233 35.54 -20.86 -12.10
CA LEU A 233 36.27 -21.92 -12.76
C LEU A 233 35.38 -23.12 -13.10
N LYS A 234 34.50 -23.47 -12.17
CA LYS A 234 33.57 -24.56 -12.33
C LYS A 234 32.67 -24.31 -13.52
N ALA A 235 32.14 -23.08 -13.63
CA ALA A 235 31.23 -22.77 -14.74
C ALA A 235 31.99 -22.78 -16.04
N LYS A 236 33.25 -22.32 -15.99
CA LYS A 236 34.07 -22.38 -17.21
C LYS A 236 34.12 -23.82 -17.69
N MET A 237 34.27 -24.76 -16.77
CA MET A 237 34.44 -26.14 -17.15
C MET A 237 33.15 -26.90 -17.51
N ASP A 238 32.00 -26.45 -17.01
CA ASP A 238 30.75 -27.07 -17.40
C ASP A 238 30.27 -26.42 -18.68
N ALA A 239 30.75 -25.21 -18.93
CA ALA A 239 30.22 -24.43 -20.04
C ALA A 239 30.11 -25.26 -21.32
N GLY A 240 28.94 -25.25 -21.93
CA GLY A 240 28.72 -25.98 -23.16
C GLY A 240 27.83 -27.18 -22.98
N TRP A 241 27.66 -27.66 -21.75
CA TRP A 241 26.82 -28.84 -21.50
C TRP A 241 25.40 -28.69 -22.09
N THR A 242 24.93 -27.46 -22.08
CA THR A 242 23.64 -27.03 -22.59
C THR A 242 23.49 -27.22 -24.08
N GLY A 243 24.62 -27.18 -24.81
CA GLY A 243 24.56 -27.11 -26.27
C GLY A 243 24.77 -25.70 -26.86
N LEU A 244 24.88 -24.72 -25.97
CA LEU A 244 25.16 -23.33 -26.34
C LEU A 244 26.48 -23.14 -27.06
N GLN A 245 26.48 -22.27 -28.05
CA GLN A 245 27.68 -21.84 -28.78
C GLN A 245 27.90 -20.33 -28.64
N ALA A 246 29.09 -19.89 -29.02
CA ALA A 246 29.54 -18.54 -28.77
C ALA A 246 28.60 -17.51 -29.39
N SER A 247 27.87 -17.92 -30.44
CA SER A 247 27.06 -17.02 -31.24
C SER A 247 25.58 -17.17 -30.92
N ASP A 248 25.24 -17.87 -29.84
CA ASP A 248 23.83 -18.04 -29.46
C ASP A 248 23.40 -17.16 -28.30
N ILE A 249 22.08 -17.14 -28.10
CA ILE A 249 21.42 -16.47 -26.99
C ILE A 249 20.77 -17.50 -26.09
N MET A 250 21.02 -17.40 -24.78
CA MET A 250 20.41 -18.30 -23.74
C MET A 250 19.62 -17.51 -22.76
N TRP A 251 18.41 -17.97 -22.49
CA TRP A 251 17.50 -17.31 -21.54
C TRP A 251 17.31 -18.27 -20.35
N THR A 252 17.87 -17.89 -19.21
CA THR A 252 17.62 -18.54 -17.92
C THR A 252 16.47 -17.84 -17.16
N ILE A 253 15.40 -18.57 -16.85
CA ILE A 253 14.24 -18.01 -16.16
C ILE A 253 14.37 -18.35 -14.66
N SER A 254 14.65 -17.33 -13.86
CA SER A 254 14.98 -17.53 -12.44
C SER A 254 14.90 -16.23 -11.66
N ASP A 255 14.41 -16.31 -10.42
CA ASP A 255 14.62 -15.26 -9.45
C ASP A 255 16.13 -15.02 -9.34
N THR A 256 16.54 -13.75 -9.28
CA THR A 256 17.95 -13.41 -9.23
C THR A 256 18.63 -13.92 -7.97
N GLY A 257 17.83 -14.20 -6.94
CA GLY A 257 18.39 -14.68 -5.72
C GLY A 257 18.99 -16.06 -5.72
N TRP A 258 18.56 -16.92 -6.63
CA TRP A 258 18.97 -18.33 -6.49
C TRP A 258 20.31 -18.56 -7.15
N ILE A 259 21.02 -19.60 -6.73
CA ILE A 259 22.29 -19.92 -7.33
C ILE A 259 22.17 -20.25 -8.82
N LEU A 260 20.97 -20.68 -9.26
CA LEU A 260 20.69 -20.91 -10.69
C LEU A 260 21.09 -19.71 -11.52
N ASN A 261 20.76 -18.54 -11.02
CA ASN A 261 21.05 -17.33 -11.72
C ASN A 261 22.58 -17.11 -11.96
N ILE A 262 23.44 -17.25 -10.95
CA ILE A 262 24.87 -16.91 -11.16
C ILE A 262 25.51 -17.92 -12.11
N LEU A 263 25.07 -19.16 -12.03
CA LEU A 263 25.71 -20.24 -12.78
C LEU A 263 25.26 -20.27 -14.22
N CYS A 264 23.94 -20.14 -14.45
CA CYS A 264 23.37 -20.31 -15.79
C CYS A 264 22.98 -19.02 -16.50
N SER A 265 22.35 -18.09 -15.80
CA SER A 265 22.10 -16.78 -16.40
C SER A 265 23.41 -15.99 -16.64
N LEU A 266 24.36 -16.09 -15.72
CA LEU A 266 25.57 -15.23 -15.81
C LEU A 266 26.81 -16.00 -16.33
N MET A 267 27.27 -16.99 -15.61
CA MET A 267 28.56 -17.59 -15.99
C MET A 267 28.58 -18.50 -17.24
N GLU A 268 27.55 -19.34 -17.40
CA GLU A 268 27.52 -20.28 -18.52
C GLU A 268 27.70 -19.53 -19.87
N PRO A 269 26.84 -18.57 -20.18
CA PRO A 269 27.03 -17.95 -21.47
C PRO A 269 28.30 -17.14 -21.53
N TRP A 270 28.62 -16.37 -20.49
CA TRP A 270 29.78 -15.47 -20.61
C TRP A 270 31.10 -16.25 -20.67
N ALA A 271 31.11 -17.48 -20.16
CA ALA A 271 32.27 -18.34 -20.35
C ALA A 271 32.54 -18.59 -21.81
N LEU A 272 31.45 -18.72 -22.59
CA LEU A 272 31.52 -19.03 -24.01
C LEU A 272 31.50 -17.79 -24.90
N GLY A 273 31.39 -16.62 -24.33
CA GLY A 273 31.20 -15.43 -25.12
C GLY A 273 29.81 -15.31 -25.75
N ALA A 274 28.82 -16.04 -25.24
CA ALA A 274 27.48 -16.07 -25.84
C ALA A 274 26.71 -14.98 -25.14
N CYS A 275 25.52 -14.69 -25.64
CA CYS A 275 24.65 -13.64 -25.06
C CYS A 275 23.62 -14.27 -24.12
N THR A 276 23.36 -13.57 -23.01
CA THR A 276 22.35 -13.99 -22.03
C THR A 276 21.14 -13.08 -22.10
N PHE A 277 19.96 -13.67 -22.09
CA PHE A 277 18.72 -12.93 -22.27
C PHE A 277 18.04 -12.78 -20.92
N VAL A 278 17.56 -11.60 -20.64
CA VAL A 278 16.84 -11.39 -19.40
C VAL A 278 15.58 -10.63 -19.68
N HIS A 279 14.45 -11.18 -19.22
CA HIS A 279 13.14 -10.52 -19.29
C HIS A 279 12.80 -10.16 -17.85
N LEU A 280 12.37 -8.93 -17.59
CA LEU A 280 11.98 -8.48 -16.24
C LEU A 280 10.96 -9.42 -15.72
N LEU A 281 10.01 -9.79 -16.59
CA LEU A 281 9.03 -10.83 -16.29
C LEU A 281 8.49 -10.58 -14.91
N PRO A 282 7.90 -9.38 -14.70
CA PRO A 282 7.53 -8.96 -13.35
C PRO A 282 6.41 -9.80 -12.75
N LYS A 283 5.57 -10.38 -13.59
CA LYS A 283 4.65 -11.41 -13.14
C LYS A 283 5.04 -12.61 -13.94
N PHE A 284 5.09 -13.76 -13.31
CA PHE A 284 5.64 -14.90 -13.96
C PHE A 284 4.51 -15.39 -14.85
N ASP A 285 4.52 -14.97 -16.10
CA ASP A 285 3.37 -15.20 -16.95
C ASP A 285 3.78 -16.10 -18.12
N PRO A 286 3.28 -17.35 -18.14
CA PRO A 286 3.67 -18.32 -19.17
C PRO A 286 3.37 -17.83 -20.58
N LEU A 287 2.26 -17.09 -20.72
CA LEU A 287 1.93 -16.50 -21.99
C LEU A 287 3.03 -15.50 -22.43
N VAL A 288 3.54 -14.65 -21.52
CA VAL A 288 4.67 -13.76 -21.84
C VAL A 288 5.92 -14.58 -22.16
N ILE A 289 6.14 -15.67 -21.44
CA ILE A 289 7.25 -16.53 -21.78
C ILE A 289 7.12 -16.99 -23.23
N LEU A 290 5.92 -17.43 -23.62
CA LEU A 290 5.70 -18.09 -24.91
C LEU A 290 5.84 -17.04 -26.02
N LYS A 291 5.25 -15.87 -25.81
CA LYS A 291 5.43 -14.79 -26.78
C LYS A 291 6.90 -14.39 -26.89
N THR A 292 7.64 -14.40 -25.78
CA THR A 292 9.08 -14.02 -25.83
C THR A 292 9.90 -15.01 -26.61
N LEU A 293 9.66 -16.30 -26.38
CA LEU A 293 10.32 -17.32 -27.17
C LEU A 293 10.02 -17.23 -28.65
N SER A 294 8.82 -16.78 -29.03
CA SER A 294 8.45 -16.74 -30.44
C SER A 294 8.82 -15.40 -31.14
N SER A 295 9.37 -14.46 -30.39
CA SER A 295 9.66 -13.12 -30.92
C SER A 295 11.13 -12.78 -30.89
N TYR A 296 11.88 -13.50 -30.07
CA TYR A 296 13.32 -13.33 -30.06
C TYR A 296 14.06 -14.59 -30.45
N PRO A 297 15.25 -14.43 -30.99
CA PRO A 297 15.99 -15.62 -31.41
C PRO A 297 16.66 -16.36 -30.24
N ILE A 298 15.86 -16.82 -29.26
CA ILE A 298 16.40 -17.56 -28.13
C ILE A 298 16.73 -18.98 -28.59
N LYS A 299 18.00 -19.36 -28.42
CA LYS A 299 18.44 -20.68 -28.83
C LYS A 299 18.35 -21.69 -27.69
N SER A 300 18.68 -21.27 -26.46
CA SER A 300 18.63 -22.12 -25.28
C SER A 300 17.79 -21.46 -24.20
N MET A 301 17.14 -22.31 -23.41
CA MET A 301 16.45 -21.88 -22.20
C MET A 301 16.68 -22.84 -21.08
N MET A 302 16.78 -22.28 -19.87
CA MET A 302 16.90 -22.98 -18.61
C MET A 302 15.79 -22.53 -17.69
N GLY A 303 15.17 -23.46 -16.99
CA GLY A 303 14.19 -23.08 -15.98
C GLY A 303 13.86 -24.33 -15.22
N ALA A 304 13.25 -24.16 -14.04
CA ALA A 304 12.85 -25.29 -13.24
C ALA A 304 11.74 -26.01 -13.98
N PRO A 305 11.55 -27.32 -13.70
CA PRO A 305 10.50 -28.10 -14.40
C PRO A 305 9.13 -27.44 -14.33
N ILE A 306 8.78 -26.85 -13.19
CA ILE A 306 7.49 -26.14 -13.06
C ILE A 306 7.28 -25.13 -14.20
N VAL A 307 8.33 -24.48 -14.65
CA VAL A 307 8.20 -23.54 -15.75
C VAL A 307 7.72 -24.25 -17.01
N TYR A 308 8.30 -25.40 -17.28
CA TYR A 308 7.87 -26.17 -18.47
C TYR A 308 6.44 -26.70 -18.32
N ARG A 309 6.06 -26.98 -17.08
CA ARG A 309 4.71 -27.44 -16.79
C ARG A 309 3.65 -26.36 -16.96
N MET A 310 3.95 -25.14 -16.52
CA MET A 310 3.04 -23.99 -16.73
C MET A 310 2.90 -23.72 -18.24
N LEU A 311 4.02 -23.76 -18.93
CA LEU A 311 4.03 -23.54 -20.37
C LEU A 311 3.17 -24.58 -21.12
N LEU A 312 3.28 -25.83 -20.70
CA LEU A 312 2.44 -26.91 -21.24
C LEU A 312 0.94 -26.75 -20.96
N GLN A 313 0.56 -26.01 -19.93
CA GLN A 313 -0.87 -25.76 -19.67
C GLN A 313 -1.46 -24.77 -20.67
N GLN A 314 -0.62 -24.10 -21.43
CA GLN A 314 -1.08 -23.14 -22.40
C GLN A 314 -1.28 -23.85 -23.72
N ASP A 315 -1.85 -23.14 -24.69
CA ASP A 315 -1.96 -23.68 -26.02
C ASP A 315 -0.77 -23.34 -26.92
N LEU A 316 0.19 -24.26 -26.93
CA LEU A 316 1.45 -24.08 -27.65
C LEU A 316 1.31 -24.05 -29.16
N SER A 317 0.21 -24.58 -29.68
CA SER A 317 -0.10 -24.49 -31.11
C SER A 317 -0.15 -23.04 -31.59
N SER A 318 -0.56 -22.13 -30.71
CA SER A 318 -0.61 -20.72 -31.05
C SER A 318 0.79 -20.09 -31.23
N TYR A 319 1.84 -20.78 -30.83
CA TYR A 319 3.17 -20.19 -30.85
C TYR A 319 4.09 -21.06 -31.63
N LYS A 320 5.06 -20.42 -32.29
CA LYS A 320 6.15 -21.17 -32.88
C LYS A 320 7.47 -20.51 -32.53
N PHE A 321 8.48 -21.35 -32.29
CA PHE A 321 9.80 -20.87 -31.90
C PHE A 321 10.86 -21.81 -32.41
N PRO A 322 11.01 -21.88 -33.74
CA PRO A 322 11.91 -22.78 -34.44
C PRO A 322 13.35 -22.55 -34.15
N HIS A 323 13.68 -21.34 -33.71
CA HIS A 323 15.03 -20.98 -33.30
CA HIS A 323 15.05 -21.02 -33.31
C HIS A 323 15.45 -21.71 -32.02
N LEU A 324 14.49 -22.04 -31.17
CA LEU A 324 14.81 -22.72 -29.87
C LEU A 324 15.20 -24.14 -30.13
N GLN A 325 16.38 -24.50 -29.66
CA GLN A 325 16.91 -25.83 -29.83
C GLN A 325 17.33 -26.55 -28.55
N ASN A 326 17.64 -25.83 -27.48
CA ASN A 326 18.17 -26.45 -26.27
C ASN A 326 17.36 -26.07 -25.01
N CYS A 327 16.63 -27.01 -24.42
CA CYS A 327 15.82 -26.74 -23.24
C CYS A 327 16.38 -27.60 -22.14
N VAL A 328 16.81 -26.94 -21.07
CA VAL A 328 17.34 -27.66 -19.93
C VAL A 328 16.55 -27.29 -18.68
N THR A 329 16.73 -28.09 -17.66
CA THR A 329 16.03 -27.86 -16.42
C THR A 329 16.88 -28.31 -15.23
N VAL A 330 16.67 -27.68 -14.06
CA VAL A 330 17.24 -28.11 -12.79
C VAL A 330 16.26 -27.71 -11.67
N GLY A 331 16.40 -28.28 -10.48
CA GLY A 331 15.63 -27.83 -9.30
C GLY A 331 14.57 -28.79 -8.75
N GLU A 332 14.15 -29.71 -9.60
CA GLU A 332 13.01 -30.58 -9.31
C GLU A 332 13.19 -31.77 -10.21
N SER A 333 12.62 -32.90 -9.83
CA SER A 333 12.54 -34.01 -10.78
C SER A 333 11.77 -33.67 -12.07
N LEU A 334 12.37 -33.95 -13.24
CA LEU A 334 11.67 -33.82 -14.53
C LEU A 334 10.83 -35.07 -14.77
N LEU A 335 9.51 -34.94 -14.70
CA LEU A 335 8.61 -36.10 -14.89
C LEU A 335 8.72 -36.61 -16.29
N PRO A 336 8.85 -37.93 -16.45
CA PRO A 336 8.79 -38.51 -17.82
C PRO A 336 7.60 -37.99 -18.66
N GLU A 337 6.47 -37.76 -18.03
CA GLU A 337 5.28 -37.29 -18.72
C GLU A 337 5.50 -35.85 -19.19
N THR A 338 6.19 -35.04 -18.38
CA THR A 338 6.53 -33.69 -18.76
C THR A 338 7.52 -33.75 -19.96
N LEU A 339 8.56 -34.56 -19.83
CA LEU A 339 9.49 -34.72 -20.91
C LEU A 339 8.78 -35.12 -22.21
N GLU A 340 7.88 -36.08 -22.08
CA GLU A 340 7.15 -36.62 -23.22
C GLU A 340 6.30 -35.54 -23.88
N ASN A 341 5.58 -34.78 -23.04
N ASN A 341 5.41 -34.88 -23.05
CA ASN A 341 4.60 -33.86 -23.61
CA ASN A 341 4.50 -33.92 -23.56
C ASN A 341 5.28 -32.71 -24.28
C ASN A 341 5.16 -32.77 -24.18
N TRP A 342 6.41 -32.27 -23.72
CA TRP A 342 7.20 -31.23 -24.34
C TRP A 342 7.74 -31.63 -25.69
N ARG A 343 8.21 -32.86 -25.77
CA ARG A 343 8.62 -33.42 -27.02
C ARG A 343 7.45 -33.39 -28.00
N ALA A 344 6.30 -33.92 -27.59
CA ALA A 344 5.13 -34.00 -28.50
C ALA A 344 4.72 -32.61 -28.94
N GLN A 345 4.69 -31.67 -28.02
CA GLN A 345 4.15 -30.39 -28.34
C GLN A 345 5.12 -29.43 -28.99
N THR A 346 6.42 -29.63 -28.85
CA THR A 346 7.38 -28.67 -29.41
C THR A 346 8.41 -29.31 -30.32
N GLY A 347 8.50 -30.63 -30.30
CA GLY A 347 9.51 -31.33 -31.07
C GLY A 347 10.89 -31.31 -30.41
N LEU A 348 10.97 -30.79 -29.18
CA LEU A 348 12.23 -30.61 -28.47
C LEU A 348 12.37 -31.56 -27.25
N ASP A 349 13.57 -31.98 -26.95
CA ASP A 349 13.88 -32.64 -25.66
C ASP A 349 14.15 -31.66 -24.53
N ILE A 350 13.91 -32.09 -23.31
CA ILE A 350 14.38 -31.31 -22.22
C ILE A 350 15.46 -32.18 -21.64
N ARG A 351 16.63 -31.61 -21.46
CA ARG A 351 17.74 -32.30 -20.82
C ARG A 351 17.87 -31.83 -19.36
N GLU A 352 17.76 -32.79 -18.44
CA GLU A 352 17.74 -32.52 -17.03
C GLU A 352 19.16 -32.35 -16.48
N SER A 353 19.24 -31.60 -15.39
CA SER A 353 20.41 -31.56 -14.52
C SER A 353 19.96 -31.48 -13.08
N TYR A 354 20.92 -31.72 -12.18
CA TYR A 354 20.69 -31.89 -10.75
C TYR A 354 21.83 -31.25 -9.97
N GLY A 355 21.49 -30.63 -8.86
CA GLY A 355 22.51 -29.99 -8.03
C GLY A 355 21.88 -29.34 -6.83
N GLN A 356 22.71 -28.75 -5.98
CA GLN A 356 22.17 -27.97 -4.89
C GLN A 356 23.07 -26.74 -4.73
N THR A 357 22.67 -25.80 -3.89
CA THR A 357 23.45 -24.57 -3.59
C THR A 357 24.92 -24.89 -3.29
N GLU A 358 25.15 -25.92 -2.47
CA GLU A 358 26.46 -26.28 -2.01
C GLU A 358 27.37 -26.88 -3.08
N THR A 359 26.77 -27.49 -4.12
CA THR A 359 27.55 -28.27 -5.07
C THR A 359 27.44 -27.74 -6.47
N GLY A 360 26.54 -26.80 -6.67
CA GLY A 360 26.17 -26.43 -7.99
C GLY A 360 25.68 -27.63 -8.80
N LEU A 361 25.98 -27.53 -10.09
CA LEU A 361 25.65 -28.51 -11.08
C LEU A 361 26.44 -29.76 -10.77
N THR A 362 25.73 -30.81 -10.37
CA THR A 362 26.36 -32.00 -9.89
C THR A 362 26.18 -33.16 -10.89
N CYS A 363 24.97 -33.30 -11.46
CA CYS A 363 24.72 -34.22 -12.61
C CYS A 363 23.96 -33.55 -13.75
N MET A 364 24.25 -33.94 -14.97
CA MET A 364 23.52 -33.38 -16.11
C MET A 364 23.48 -34.34 -17.29
N VAL A 365 22.46 -34.19 -18.11
CA VAL A 365 22.40 -34.73 -19.44
C VAL A 365 22.89 -33.67 -20.43
N SER A 366 24.11 -33.85 -20.89
CA SER A 366 24.68 -32.91 -21.84
C SER A 366 24.09 -33.12 -23.23
N LYS A 367 24.37 -32.17 -24.14
CA LYS A 367 23.73 -32.15 -25.46
C LYS A 367 23.79 -33.50 -26.21
N THR A 368 24.95 -34.14 -26.16
CA THR A 368 25.24 -35.37 -26.89
C THR A 368 24.87 -36.64 -26.15
N MET A 369 24.38 -36.58 -24.92
CA MET A 369 24.06 -37.79 -24.20
C MET A 369 22.63 -38.18 -24.56
N LYS A 370 22.41 -39.47 -24.68
CA LYS A 370 21.09 -40.02 -24.81
C LYS A 370 20.32 -39.73 -23.55
N ILE A 371 19.07 -39.35 -23.69
CA ILE A 371 18.16 -39.06 -22.58
C ILE A 371 17.46 -40.34 -22.13
N LYS A 372 17.46 -40.57 -20.83
CA LYS A 372 16.72 -41.64 -20.20
C LYS A 372 15.66 -40.98 -19.39
N PRO A 373 14.40 -41.11 -19.83
CA PRO A 373 13.31 -40.54 -19.02
C PRO A 373 13.39 -40.98 -17.54
N GLY A 374 13.30 -40.02 -16.63
CA GLY A 374 13.29 -40.29 -15.20
C GLY A 374 14.67 -40.30 -14.57
N TYR A 375 15.70 -40.05 -15.38
CA TYR A 375 17.08 -40.00 -14.90
C TYR A 375 17.66 -38.64 -15.10
N MET A 376 18.42 -38.14 -14.12
CA MET A 376 18.97 -36.76 -14.21
C MET A 376 20.40 -36.65 -14.74
N GLY A 377 20.87 -37.68 -15.40
CA GLY A 377 22.19 -37.62 -16.03
C GLY A 377 23.36 -38.16 -15.21
N THR A 378 24.55 -37.79 -15.65
CA THR A 378 25.79 -38.32 -15.15
C THR A 378 26.62 -37.20 -14.50
N ALA A 379 27.68 -37.57 -13.77
CA ALA A 379 28.53 -36.63 -13.02
C ALA A 379 28.98 -35.47 -13.86
N ALA A 380 28.91 -34.28 -13.25
CA ALA A 380 29.61 -33.09 -13.80
C ALA A 380 31.08 -33.49 -13.90
N SER A 381 31.77 -32.89 -14.84
CA SER A 381 33.11 -33.38 -15.19
C SER A 381 34.12 -33.17 -14.08
N CYS A 382 33.86 -32.27 -13.15
CA CYS A 382 34.80 -32.17 -12.01
C CYS A 382 34.58 -33.20 -10.91
N TYR A 383 33.50 -33.99 -11.00
CA TYR A 383 32.94 -34.61 -9.82
C TYR A 383 32.93 -36.09 -9.98
N ASP A 384 33.31 -36.76 -8.91
CA ASP A 384 33.13 -38.16 -8.79
C ASP A 384 31.85 -38.35 -8.00
N VAL A 385 30.75 -38.60 -8.68
CA VAL A 385 29.46 -38.75 -7.98
C VAL A 385 29.11 -40.25 -7.89
N GLN A 386 28.69 -40.68 -6.71
CA GLN A 386 28.39 -42.06 -6.42
C GLN A 386 27.20 -42.19 -5.49
N ILE A 387 26.62 -43.38 -5.44
CA ILE A 387 25.63 -43.77 -4.44
C ILE A 387 26.42 -44.44 -3.29
N ILE A 388 26.29 -43.95 -2.06
CA ILE A 388 27.14 -44.49 -1.01
C ILE A 388 26.29 -44.98 0.15
N ASP A 389 26.83 -45.95 0.90
CA ASP A 389 26.11 -46.63 1.97
C ASP A 389 26.29 -45.90 3.30
N ASP A 390 25.74 -46.49 4.36
CA ASP A 390 25.76 -45.93 5.71
C ASP A 390 27.17 -45.63 6.24
N LYS A 391 28.14 -46.44 5.82
CA LYS A 391 29.54 -46.34 6.24
C LYS A 391 30.37 -45.55 5.21
N GLY A 392 29.76 -45.10 4.13
CA GLY A 392 30.50 -44.31 3.15
C GLY A 392 31.08 -45.05 1.96
N ASN A 393 30.77 -46.34 1.84
CA ASN A 393 31.28 -47.13 0.73
C ASN A 393 30.49 -46.93 -0.56
N VAL A 394 31.18 -46.93 -1.69
CA VAL A 394 30.56 -46.83 -2.98
C VAL A 394 29.75 -48.11 -3.21
N LEU A 395 28.50 -47.95 -3.60
CA LEU A 395 27.59 -49.06 -3.86
C LEU A 395 27.58 -49.47 -5.33
N PRO A 396 27.16 -50.69 -5.61
CA PRO A 396 27.12 -51.05 -7.03
C PRO A 396 25.93 -50.44 -7.76
N PRO A 397 25.97 -50.42 -9.08
CA PRO A 397 24.79 -49.90 -9.78
C PRO A 397 23.52 -50.66 -9.40
N GLY A 398 22.38 -49.99 -9.46
CA GLY A 398 21.13 -50.62 -9.14
C GLY A 398 20.76 -50.68 -7.67
N THR A 399 21.58 -50.11 -6.81
CA THR A 399 21.39 -50.16 -5.38
C THR A 399 21.07 -48.77 -4.87
N GLU A 400 19.94 -48.62 -4.20
CA GLU A 400 19.60 -47.35 -3.62
C GLU A 400 20.50 -47.03 -2.46
N GLY A 401 20.93 -45.78 -2.43
CA GLY A 401 21.67 -45.27 -1.32
C GLY A 401 21.65 -43.76 -1.31
N ASP A 402 22.64 -43.16 -0.65
CA ASP A 402 22.79 -41.70 -0.54
C ASP A 402 23.73 -41.16 -1.64
N ILE A 403 23.35 -40.06 -2.29
CA ILE A 403 24.15 -39.50 -3.39
C ILE A 403 25.30 -38.67 -2.81
N GLY A 404 26.50 -38.83 -3.33
CA GLY A 404 27.68 -38.28 -2.72
C GLY A 404 28.69 -37.81 -3.74
N ILE A 405 29.46 -36.77 -3.38
CA ILE A 405 30.55 -36.30 -4.22
C ILE A 405 31.84 -36.54 -3.51
N ARG A 406 32.76 -37.26 -4.13
CA ARG A 406 34.07 -37.51 -3.51
C ARG A 406 34.75 -36.18 -3.20
N VAL A 407 35.08 -35.95 -1.94
CA VAL A 407 35.76 -34.73 -1.55
C VAL A 407 37.07 -35.00 -0.85
N LYS A 408 37.42 -36.29 -0.71
CA LYS A 408 38.71 -36.68 -0.22
C LYS A 408 39.31 -37.77 -1.10
N PRO A 409 40.64 -37.70 -1.29
CA PRO A 409 41.58 -36.73 -0.75
C PRO A 409 41.60 -35.34 -1.45
N ILE A 410 41.23 -35.30 -2.73
CA ILE A 410 41.07 -34.04 -3.49
C ILE A 410 39.61 -33.50 -3.47
N ARG A 411 39.44 -32.27 -2.97
CA ARG A 411 38.18 -31.57 -3.09
C ARG A 411 38.00 -30.98 -4.51
N PRO A 412 36.94 -31.37 -5.21
CA PRO A 412 36.86 -30.95 -6.63
C PRO A 412 36.47 -29.50 -6.79
N ILE A 413 36.94 -28.90 -7.87
CA ILE A 413 36.50 -27.56 -8.28
C ILE A 413 34.96 -27.57 -8.40
N GLY A 414 34.32 -26.61 -7.72
CA GLY A 414 32.83 -26.43 -7.74
C GLY A 414 32.11 -26.66 -6.41
N ILE A 415 32.72 -27.39 -5.49
CA ILE A 415 32.12 -27.60 -4.18
C ILE A 415 32.36 -26.33 -3.35
N PHE A 416 31.38 -25.94 -2.57
CA PHE A 416 31.46 -24.71 -1.81
C PHE A 416 32.52 -24.86 -0.71
N SER A 417 32.79 -23.77 -0.03
CA SER A 417 33.84 -23.73 0.98
C SER A 417 33.32 -24.16 2.33
N GLY A 418 32.02 -24.17 2.54
CA GLY A 418 31.48 -24.61 3.83
C GLY A 418 30.43 -23.65 4.30
N TYR A 419 29.78 -24.00 5.40
CA TYR A 419 28.86 -23.10 6.03
C TYR A 419 29.59 -22.07 6.89
N VAL A 420 29.45 -20.78 6.59
CA VAL A 420 30.18 -19.73 7.33
C VAL A 420 29.90 -19.77 8.82
N ASP A 421 30.97 -19.71 9.61
CA ASP A 421 30.90 -19.74 11.07
C ASP A 421 30.38 -21.06 11.62
N ASN A 422 30.31 -22.12 10.81
CA ASN A 422 29.69 -23.35 11.27
C ASN A 422 30.36 -24.62 10.72
N PRO A 423 31.64 -24.80 11.02
CA PRO A 423 32.35 -25.96 10.52
C PRO A 423 31.80 -27.30 11.01
N ASP A 424 31.07 -27.31 12.12
CA ASP A 424 30.47 -28.52 12.62
C ASP A 424 29.38 -29.02 11.68
N LYS A 425 28.48 -28.11 11.30
CA LYS A 425 27.42 -28.49 10.36
C LYS A 425 28.00 -28.91 9.02
N THR A 426 29.13 -28.34 8.64
CA THR A 426 29.77 -28.79 7.41
C THR A 426 30.25 -30.21 7.55
N ALA A 427 30.90 -30.50 8.70
CA ALA A 427 31.54 -31.79 8.99
C ALA A 427 30.47 -32.82 9.02
N ALA A 428 29.29 -32.37 9.43
CA ALA A 428 28.20 -33.24 9.62
C ALA A 428 27.66 -33.78 8.29
N ASN A 429 27.93 -33.16 7.14
CA ASN A 429 27.47 -33.73 5.85
C ASN A 429 28.55 -34.45 5.12
N ILE A 430 29.71 -34.60 5.77
CA ILE A 430 30.78 -35.42 5.21
C ILE A 430 30.73 -36.82 5.80
N ARG A 431 30.64 -37.81 4.92
CA ARG A 431 30.69 -39.20 5.34
C ARG A 431 31.82 -39.87 4.59
N GLY A 432 32.81 -40.32 5.34
CA GLY A 432 34.00 -40.88 4.76
C GLY A 432 34.65 -39.84 3.91
N ASP A 433 34.89 -40.24 2.67
CA ASP A 433 35.46 -39.37 1.64
C ASP A 433 34.43 -38.54 0.88
N PHE A 434 33.16 -38.67 1.25
CA PHE A 434 32.10 -38.07 0.44
C PHE A 434 31.33 -36.95 1.12
N TRP A 435 31.02 -35.91 0.36
CA TRP A 435 30.02 -34.92 0.77
C TRP A 435 28.62 -35.46 0.39
N LEU A 436 27.70 -35.41 1.35
CA LEU A 436 26.32 -35.95 1.18
C LEU A 436 25.39 -34.84 0.69
N LEU A 437 24.73 -35.11 -0.43
CA LEU A 437 23.70 -34.18 -0.93
C LEU A 437 22.44 -34.21 -0.05
N GLY A 438 22.20 -35.31 0.65
CA GLY A 438 20.97 -35.43 1.39
C GLY A 438 19.85 -35.92 0.49
N ASP A 439 20.17 -36.35 -0.72
CA ASP A 439 19.15 -37.02 -1.55
C ASP A 439 19.49 -38.50 -1.67
N ARG A 440 18.48 -39.34 -1.73
CA ARG A 440 18.65 -40.76 -2.12
C ARG A 440 18.66 -40.83 -3.64
N GLY A 441 19.33 -41.87 -4.16
CA GLY A 441 19.33 -42.20 -5.56
C GLY A 441 19.80 -43.61 -5.88
N ILE A 442 19.76 -43.93 -7.16
CA ILE A 442 20.26 -45.19 -7.73
C ILE A 442 21.05 -44.81 -8.96
N LYS A 443 22.11 -45.55 -9.25
CA LYS A 443 22.93 -45.26 -10.41
C LYS A 443 22.75 -46.43 -11.34
N ASP A 444 22.54 -46.18 -12.64
CA ASP A 444 22.39 -47.31 -13.58
C ASP A 444 23.72 -47.68 -14.18
N GLU A 445 23.69 -48.60 -15.12
CA GLU A 445 24.89 -49.22 -15.65
C GLU A 445 25.75 -48.28 -16.44
N ASP A 446 25.16 -47.20 -16.90
CA ASP A 446 25.91 -46.24 -17.66
C ASP A 446 26.31 -45.06 -16.77
N GLY A 447 26.02 -45.12 -15.47
CA GLY A 447 26.31 -43.98 -14.58
C GLY A 447 25.26 -42.87 -14.54
N TYR A 448 24.08 -43.15 -15.11
CA TYR A 448 22.96 -42.19 -15.04
C TYR A 448 22.36 -42.28 -13.65
N PHE A 449 22.02 -41.15 -13.10
CA PHE A 449 21.46 -41.17 -11.78
C PHE A 449 19.95 -40.97 -11.81
N GLN A 450 19.26 -41.75 -10.98
CA GLN A 450 17.83 -41.55 -10.69
C GLN A 450 17.64 -41.09 -9.25
N PHE A 451 16.95 -39.96 -9.11
CA PHE A 451 16.63 -39.38 -7.82
C PHE A 451 15.57 -40.20 -7.17
N MET A 452 15.76 -40.56 -5.89
CA MET A 452 14.78 -41.40 -5.17
C MET A 452 14.17 -40.78 -3.92
N GLY A 453 14.38 -39.49 -3.74
CA GLY A 453 13.79 -38.75 -2.63
C GLY A 453 14.83 -38.08 -1.74
N ARG A 454 14.41 -36.98 -1.12
CA ARG A 454 15.12 -36.34 -0.03
C ARG A 454 15.16 -37.24 1.15
N ALA A 455 16.33 -37.32 1.76
CA ALA A 455 16.49 -38.24 2.85
C ALA A 455 16.20 -37.59 4.17
N ASP A 456 15.76 -36.32 4.19
CA ASP A 456 15.58 -35.64 5.47
C ASP A 456 14.29 -34.85 5.46
N ASP A 457 14.18 -33.80 6.28
CA ASP A 457 12.91 -33.06 6.41
C ASP A 457 12.81 -31.84 5.49
N ILE A 458 13.82 -31.60 4.67
CA ILE A 458 13.70 -30.52 3.71
C ILE A 458 12.54 -30.79 2.73
N ILE A 459 11.79 -29.72 2.43
CA ILE A 459 10.69 -29.75 1.49
C ILE A 459 11.10 -29.10 0.18
N ASN A 460 10.72 -29.73 -0.93
CA ASN A 460 10.94 -29.18 -2.29
C ASN A 460 9.60 -28.92 -2.91
N SER A 461 9.30 -27.65 -3.10
CA SER A 461 8.05 -27.29 -3.62
C SER A 461 8.31 -26.34 -4.76
N SER A 462 7.99 -26.84 -5.96
CA SER A 462 8.10 -26.06 -7.17
C SER A 462 9.51 -25.57 -7.38
N GLY A 463 10.47 -26.36 -6.99
CA GLY A 463 11.84 -25.98 -7.14
C GLY A 463 12.34 -25.11 -6.02
N TYR A 464 11.55 -24.85 -4.98
CA TYR A 464 12.09 -24.17 -3.77
C TYR A 464 12.58 -25.17 -2.73
N ARG A 465 13.62 -24.80 -2.01
CA ARG A 465 14.16 -25.62 -0.93
C ARG A 465 13.70 -24.95 0.37
N ILE A 466 12.83 -25.62 1.10
CA ILE A 466 12.14 -25.01 2.22
C ILE A 466 12.50 -25.73 3.47
N GLY A 467 12.99 -24.97 4.44
CA GLY A 467 13.26 -25.49 5.78
C GLY A 467 12.03 -25.51 6.67
N PRO A 468 11.68 -26.67 7.21
CA PRO A 468 10.44 -26.78 7.96
C PRO A 468 10.38 -25.82 9.19
N SER A 469 11.51 -25.61 9.87
CA SER A 469 11.56 -24.68 10.99
C SER A 469 11.18 -23.25 10.65
N GLU A 470 11.51 -22.85 9.44
CA GLU A 470 11.16 -21.51 8.99
C GLU A 470 9.63 -21.35 8.99
N VAL A 471 8.93 -22.31 8.38
CA VAL A 471 7.49 -22.22 8.29
C VAL A 471 6.87 -22.45 9.69
N GLU A 472 7.42 -23.38 10.47
CA GLU A 472 6.96 -23.62 11.87
C GLU A 472 7.02 -22.40 12.81
N ASN A 473 8.17 -21.70 12.81
CA ASN A 473 8.34 -20.47 13.60
C ASN A 473 7.29 -19.45 13.23
N ALA A 474 7.09 -19.31 11.92
CA ALA A 474 6.10 -18.38 11.36
C ALA A 474 4.70 -18.70 11.90
N LEU A 475 4.31 -19.96 11.81
CA LEU A 475 3.01 -20.39 12.33
C LEU A 475 2.98 -20.18 13.83
N MET A 476 4.07 -20.54 14.52
CA MET A 476 4.04 -20.45 16.00
C MET A 476 3.80 -19.03 16.53
N GLU A 477 4.10 -18.01 15.74
CA GLU A 477 3.84 -16.64 16.16
C GLU A 477 2.37 -16.32 16.33
N HIS A 478 1.50 -17.08 15.66
CA HIS A 478 0.06 -16.84 15.70
C HIS A 478 -0.53 -17.39 17.00
N PRO A 479 -1.40 -16.63 17.66
CA PRO A 479 -2.00 -17.10 18.92
C PRO A 479 -2.71 -18.43 18.80
N ALA A 480 -3.22 -18.76 17.61
CA ALA A 480 -4.00 -19.99 17.41
C ALA A 480 -3.18 -21.27 17.49
N VAL A 481 -1.89 -21.17 17.25
CA VAL A 481 -1.08 -22.34 17.09
C VAL A 481 -0.31 -22.62 18.34
N VAL A 482 -0.54 -23.76 18.98
CA VAL A 482 0.22 -24.09 20.19
C VAL A 482 1.39 -25.00 19.85
N GLU A 483 1.21 -25.84 18.83
CA GLU A 483 2.25 -26.73 18.36
C GLU A 483 2.04 -27.01 16.88
N THR A 484 3.11 -27.13 16.10
CA THR A 484 2.92 -27.46 14.69
C THR A 484 4.08 -28.29 14.13
N ALA A 485 3.81 -29.12 13.12
CA ALA A 485 4.87 -29.78 12.35
C ALA A 485 4.65 -29.52 10.89
N VAL A 486 5.72 -29.10 10.17
CA VAL A 486 5.65 -28.85 8.70
C VAL A 486 6.42 -29.87 7.81
N ILE A 487 5.69 -30.51 6.90
CA ILE A 487 6.24 -31.62 6.08
C ILE A 487 5.75 -31.45 4.65
N SER A 488 6.29 -32.26 3.77
CA SER A 488 5.99 -32.14 2.35
C SER A 488 4.73 -32.95 2.07
N SER A 489 3.95 -32.54 1.08
CA SER A 489 2.76 -33.30 0.72
C SER A 489 2.75 -33.45 -0.79
N PRO A 490 2.38 -34.64 -1.28
CA PRO A 490 2.44 -34.87 -2.73
C PRO A 490 1.45 -34.00 -3.46
N ASP A 491 1.88 -33.41 -4.58
CA ASP A 491 0.99 -32.59 -5.39
C ASP A 491 1.25 -32.88 -6.86
N PRO A 492 0.17 -33.19 -7.64
CA PRO A 492 0.35 -33.43 -9.09
C PRO A 492 1.25 -32.39 -9.76
N VAL A 493 0.91 -31.12 -9.53
CA VAL A 493 1.41 -30.03 -10.37
C VAL A 493 2.78 -29.49 -9.94
N ARG A 494 2.92 -29.29 -8.64
CA ARG A 494 4.09 -28.64 -8.05
C ARG A 494 5.07 -29.71 -7.51
N GLY A 495 4.63 -30.97 -7.64
CA GLY A 495 5.36 -32.14 -7.11
C GLY A 495 4.97 -32.43 -5.68
N GLU A 496 5.08 -31.37 -4.89
CA GLU A 496 5.13 -31.48 -3.47
C GLU A 496 4.75 -30.09 -3.00
N VAL A 497 3.97 -30.04 -1.95
CA VAL A 497 3.65 -28.76 -1.35
C VAL A 497 3.91 -28.83 0.14
N VAL A 498 4.13 -27.64 0.71
CA VAL A 498 4.31 -27.46 2.14
C VAL A 498 2.98 -27.71 2.86
N LYS A 499 2.96 -28.71 3.73
CA LYS A 499 1.80 -28.92 4.59
C LYS A 499 2.11 -28.71 6.08
N ALA A 500 1.19 -28.05 6.80
CA ALA A 500 1.33 -27.88 8.24
C ALA A 500 0.29 -28.75 8.96
N PHE A 501 0.75 -29.43 9.99
CA PHE A 501 -0.09 -30.00 11.01
C PHE A 501 -0.06 -29.01 12.16
N VAL A 502 -1.23 -28.66 12.66
CA VAL A 502 -1.33 -27.62 13.68
C VAL A 502 -2.19 -28.13 14.79
N VAL A 503 -1.69 -28.00 16.01
CA VAL A 503 -2.49 -28.21 17.21
C VAL A 503 -3.00 -26.85 17.65
N LEU A 504 -4.31 -26.73 17.84
CA LEU A 504 -4.91 -25.41 18.00
C LEU A 504 -5.00 -25.00 19.47
N ALA A 505 -4.77 -23.71 19.76
CA ALA A 505 -5.22 -23.11 21.00
C ALA A 505 -6.72 -23.34 21.11
N SER A 506 -7.17 -23.82 22.27
CA SER A 506 -8.56 -24.24 22.46
C SER A 506 -9.55 -23.13 22.12
N GLN A 507 -9.21 -21.87 22.42
CA GLN A 507 -10.08 -20.74 22.12
CA GLN A 507 -10.11 -20.74 22.12
C GLN A 507 -10.52 -20.79 20.65
N PHE A 508 -9.63 -21.28 19.80
CA PHE A 508 -9.84 -21.25 18.40
C PHE A 508 -10.60 -22.43 17.85
N LEU A 509 -10.99 -23.39 18.70
CA LEU A 509 -11.62 -24.61 18.20
C LEU A 509 -13.00 -24.31 17.60
N SER A 510 -13.58 -23.20 18.02
CA SER A 510 -14.87 -22.80 17.55
C SER A 510 -14.82 -22.00 16.25
N HIS A 511 -13.67 -21.48 15.82
CA HIS A 511 -13.65 -20.75 14.54
C HIS A 511 -14.01 -21.66 13.38
N ASP A 512 -14.52 -21.08 12.31
CA ASP A 512 -14.65 -21.83 11.06
C ASP A 512 -13.24 -22.27 10.69
N PRO A 513 -13.06 -23.56 10.37
CA PRO A 513 -11.79 -24.09 9.97
C PRO A 513 -11.24 -23.46 8.71
N GLU A 514 -12.11 -23.25 7.73
CA GLU A 514 -11.68 -22.78 6.42
C GLU A 514 -11.20 -21.35 6.60
N GLN A 515 -11.94 -20.55 7.37
CA GLN A 515 -11.53 -19.20 7.67
C GLN A 515 -10.18 -19.18 8.38
N LEU A 516 -10.04 -20.05 9.38
CA LEU A 516 -8.86 -20.07 10.22
C LEU A 516 -7.62 -20.53 9.43
N THR A 517 -7.83 -21.48 8.52
CA THR A 517 -6.76 -21.91 7.61
C THR A 517 -6.23 -20.76 6.81
N LYS A 518 -7.14 -19.99 6.21
CA LYS A 518 -6.76 -18.85 5.40
C LYS A 518 -6.10 -17.78 6.23
N GLU A 519 -6.57 -17.58 7.44
CA GLU A 519 -5.93 -16.59 8.32
C GLU A 519 -4.46 -16.98 8.57
N LEU A 520 -4.22 -18.25 8.87
CA LEU A 520 -2.90 -18.77 9.12
C LEU A 520 -2.04 -18.72 7.88
N GLN A 521 -2.58 -19.12 6.74
CA GLN A 521 -1.80 -19.03 5.50
C GLN A 521 -1.38 -17.58 5.27
N GLN A 522 -2.31 -16.68 5.49
CA GLN A 522 -2.05 -15.28 5.26
C GLN A 522 -0.98 -14.82 6.22
N HIS A 523 -1.06 -15.33 7.43
CA HIS A 523 -0.08 -14.92 8.43
C HIS A 523 1.33 -15.31 8.01
N VAL A 524 1.50 -16.52 7.50
CA VAL A 524 2.86 -16.96 7.15
C VAL A 524 3.40 -16.11 6.02
N LYS A 525 2.52 -15.87 5.04
CA LYS A 525 2.86 -15.07 3.89
C LYS A 525 3.25 -13.67 4.27
N SER A 526 2.64 -13.12 5.32
CA SER A 526 2.97 -11.77 5.76
C SER A 526 4.32 -11.63 6.49
N VAL A 527 4.82 -12.66 7.14
CA VAL A 527 6.05 -12.49 7.91
C VAL A 527 7.30 -13.08 7.28
N THR A 528 7.15 -13.95 6.27
CA THR A 528 8.33 -14.53 5.62
C THR A 528 8.02 -14.76 4.12
N ALA A 529 9.04 -14.94 3.30
CA ALA A 529 8.86 -14.98 1.86
C ALA A 529 7.75 -15.94 1.54
N PRO A 530 6.73 -15.45 0.83
CA PRO A 530 5.47 -16.13 0.61
C PRO A 530 5.55 -17.53 -0.03
N TYR A 531 6.64 -17.81 -0.74
CA TYR A 531 6.79 -19.09 -1.43
C TYR A 531 6.80 -20.29 -0.46
N LYS A 532 6.97 -20.06 0.83
CA LYS A 532 7.12 -21.19 1.71
C LYS A 532 5.86 -21.48 2.51
N TYR A 533 4.77 -20.80 2.22
CA TYR A 533 3.59 -20.91 3.08
C TYR A 533 2.91 -22.30 2.95
N PRO A 534 2.20 -22.72 4.01
CA PRO A 534 1.50 -24.02 4.04
C PRO A 534 0.25 -24.04 3.19
N ARG A 535 0.35 -24.66 2.02
CA ARG A 535 -0.78 -24.74 1.08
C ARG A 535 -1.84 -25.65 1.60
N LYS A 536 -1.40 -26.66 2.33
CA LYS A 536 -2.30 -27.49 3.12
C LYS A 536 -2.05 -27.25 4.60
N ILE A 537 -3.13 -27.30 5.39
CA ILE A 537 -3.08 -27.27 6.86
C ILE A 537 -4.10 -28.26 7.45
N GLU A 538 -3.64 -29.14 8.33
CA GLU A 538 -4.50 -30.07 9.01
C GLU A 538 -4.41 -29.80 10.51
N PHE A 539 -5.56 -29.65 11.15
CA PHE A 539 -5.62 -29.50 12.58
C PHE A 539 -5.65 -30.86 13.19
N VAL A 540 -4.89 -31.03 14.27
CA VAL A 540 -4.79 -32.31 14.95
C VAL A 540 -4.72 -32.03 16.46
N LEU A 541 -4.91 -33.09 17.25
CA LEU A 541 -4.82 -33.01 18.73
C LEU A 541 -3.40 -33.26 19.22
N ASN A 542 -2.60 -33.98 18.44
CA ASN A 542 -1.24 -34.25 18.85
C ASN A 542 -0.27 -34.58 17.71
N LEU A 543 1.00 -34.39 17.99
CA LEU A 543 2.06 -34.69 17.06
C LEU A 543 2.94 -35.81 17.62
N PRO A 544 3.29 -36.82 16.80
CA PRO A 544 4.08 -37.96 17.30
C PRO A 544 5.52 -37.55 17.59
N LYS A 545 6.07 -38.16 18.62
CA LYS A 545 7.36 -37.74 19.13
C LYS A 545 8.25 -38.88 19.61
N THR A 546 9.53 -38.57 19.75
CA THR A 546 10.48 -39.52 20.29
C THR A 546 10.34 -39.44 21.80
N VAL A 547 10.86 -40.44 22.50
CA VAL A 547 10.88 -40.42 23.95
C VAL A 547 11.62 -39.19 24.47
N THR A 548 12.56 -38.68 23.67
CA THR A 548 13.25 -37.44 24.05
C THR A 548 12.40 -36.20 23.75
N GLY A 549 11.20 -36.38 23.18
CA GLY A 549 10.26 -35.27 22.94
C GLY A 549 10.45 -34.53 21.63
N LYS A 550 11.20 -35.12 20.69
CA LYS A 550 11.35 -34.57 19.34
C LYS A 550 10.27 -35.09 18.38
N ILE A 551 9.69 -34.17 17.59
CA ILE A 551 8.63 -34.50 16.61
C ILE A 551 9.16 -35.40 15.51
N GLN A 552 8.39 -36.42 15.15
CA GLN A 552 8.79 -37.39 14.14
C GLN A 552 8.16 -37.06 12.81
N ARG A 553 8.71 -36.05 12.16
CA ARG A 553 8.22 -35.60 10.86
C ARG A 553 8.16 -36.71 9.84
N ALA A 554 9.15 -37.60 9.89
CA ALA A 554 9.23 -38.73 8.96
C ALA A 554 7.99 -39.58 9.07
N LYS A 555 7.51 -39.77 10.29
CA LYS A 555 6.30 -40.52 10.58
C LYS A 555 5.11 -39.85 9.91
N LEU A 556 4.97 -38.53 10.12
CA LEU A 556 3.90 -37.77 9.49
C LEU A 556 4.04 -37.82 7.98
N ARG A 557 5.28 -37.68 7.53
CA ARG A 557 5.52 -37.67 6.10
C ARG A 557 5.09 -39.01 5.47
N ASP A 558 5.49 -40.12 6.07
CA ASP A 558 5.10 -41.41 5.54
C ASP A 558 3.58 -41.55 5.43
N LYS A 559 2.85 -41.25 6.51
CA LYS A 559 1.39 -41.38 6.47
C LYS A 559 0.81 -40.47 5.37
N GLU A 560 1.35 -39.26 5.24
CA GLU A 560 0.84 -38.32 4.24
C GLU A 560 1.09 -38.78 2.80
N TRP A 561 2.09 -39.60 2.54
CA TRP A 561 2.26 -40.12 1.18
C TRP A 561 1.62 -41.53 1.00
N LYS A 562 0.59 -41.58 0.14
CA LYS A 562 -0.19 -42.80 -0.17
C LYS A 562 -0.73 -43.42 1.10
N HIS B 30 -23.36 46.09 9.95
CA HIS B 30 -23.51 46.36 11.42
C HIS B 30 -24.00 45.11 12.18
N GLN B 31 -23.54 44.94 13.43
CA GLN B 31 -23.93 43.81 14.30
C GLN B 31 -24.24 44.15 15.76
N GLU B 32 -25.17 43.39 16.33
CA GLU B 32 -25.60 43.54 17.72
C GLU B 32 -25.19 42.33 18.61
N VAL B 33 -23.94 42.35 19.07
CA VAL B 33 -23.39 41.30 19.94
C VAL B 33 -22.66 41.89 21.12
N PRO B 34 -22.32 41.05 22.11
CA PRO B 34 -21.33 41.47 23.10
C PRO B 34 -19.96 41.72 22.42
N ALA B 35 -19.11 42.54 23.00
CA ALA B 35 -17.82 42.80 22.37
C ALA B 35 -16.99 41.54 22.27
N LYS B 36 -17.11 40.67 23.28
CA LYS B 36 -16.30 39.45 23.32
C LYS B 36 -17.17 38.22 23.46
N PHE B 37 -16.71 37.10 22.91
CA PHE B 37 -17.36 35.82 23.08
C PHE B 37 -16.38 34.72 22.79
N ASN B 38 -16.49 33.61 23.54
CA ASN B 38 -15.67 32.40 23.36
C ASN B 38 -16.48 31.17 23.82
N PHE B 39 -16.75 30.23 22.92
CA PHE B 39 -17.59 29.08 23.23
C PHE B 39 -17.03 28.31 24.41
N ALA B 40 -15.70 28.22 24.44
CA ALA B 40 -15.00 27.54 25.53
C ALA B 40 -15.23 28.20 26.88
N SER B 41 -14.88 29.47 27.01
CA SER B 41 -15.01 30.10 28.31
C SER B 41 -16.45 30.45 28.62
N ASP B 42 -17.23 30.81 27.61
CA ASP B 42 -18.57 31.31 27.87
C ASP B 42 -19.62 30.20 27.91
N VAL B 43 -19.34 29.02 27.36
CA VAL B 43 -20.31 27.91 27.33
C VAL B 43 -19.74 26.66 28.01
N LEU B 44 -18.66 26.16 27.42
CA LEU B 44 -18.09 24.92 27.90
C LEU B 44 -17.70 25.00 29.37
N ASP B 45 -16.88 26.00 29.70
CA ASP B 45 -16.45 26.19 31.08
C ASP B 45 -17.56 26.52 32.06
N HIS B 46 -18.69 27.03 31.58
CA HIS B 46 -19.83 27.21 32.47
C HIS B 46 -20.22 25.81 32.98
N TRP B 47 -20.19 24.81 32.10
CA TRP B 47 -20.62 23.46 32.50
C TRP B 47 -19.58 22.77 33.41
N ALA B 48 -18.32 23.03 33.15
CA ALA B 48 -17.28 22.49 34.04
C ALA B 48 -17.44 23.09 35.44
N ASP B 49 -17.59 24.41 35.55
CA ASP B 49 -17.63 25.07 36.87
C ASP B 49 -18.76 24.52 37.73
N MET B 50 -19.90 24.34 37.10
CA MET B 50 -21.11 23.84 37.75
C MET B 50 -20.89 22.47 38.42
N GLU B 51 -20.16 21.59 37.76
CA GLU B 51 -19.74 20.34 38.34
C GLU B 51 -18.77 20.63 39.46
N LYS B 52 -17.77 21.47 39.18
CA LYS B 52 -16.77 21.81 40.22
C LYS B 52 -17.45 22.36 41.46
N ALA B 53 -18.48 23.16 41.25
CA ALA B 53 -19.20 23.81 42.38
C ALA B 53 -20.25 22.89 42.98
N GLY B 54 -20.39 21.69 42.44
CA GLY B 54 -21.38 20.73 42.96
C GLY B 54 -22.81 21.12 42.71
N LYS B 55 -23.04 22.06 41.80
CA LYS B 55 -24.40 22.41 41.42
C LYS B 55 -24.98 21.44 40.39
N ARG B 56 -24.13 20.66 39.73
CA ARG B 56 -24.62 19.62 38.81
C ARG B 56 -23.76 18.40 39.02
N PRO B 57 -24.34 17.21 38.94
CA PRO B 57 -23.43 16.08 39.01
C PRO B 57 -22.58 16.02 37.75
N PRO B 58 -21.45 15.30 37.79
CA PRO B 58 -20.60 15.10 36.65
C PRO B 58 -21.43 14.53 35.51
N SER B 59 -21.51 15.26 34.42
CA SER B 59 -22.42 14.91 33.36
C SER B 59 -21.59 14.55 32.14
N PRO B 60 -22.05 13.56 31.38
CA PRO B 60 -21.35 13.14 30.19
C PRO B 60 -21.37 14.20 29.10
N ALA B 61 -20.19 14.54 28.57
CA ALA B 61 -20.06 15.54 27.48
C ALA B 61 -19.68 14.88 26.19
N LEU B 62 -18.61 14.08 26.21
CA LEU B 62 -18.12 13.34 25.01
C LEU B 62 -18.03 11.85 25.31
N TRP B 63 -18.78 11.07 24.54
CA TRP B 63 -18.77 9.61 24.62
C TRP B 63 -18.34 9.06 23.26
N TRP B 64 -17.15 8.46 23.22
CA TRP B 64 -16.54 7.97 21.96
C TRP B 64 -16.45 6.46 21.99
N VAL B 65 -16.71 5.83 20.85
CA VAL B 65 -16.61 4.35 20.71
C VAL B 65 -15.97 4.04 19.37
N ASN B 66 -15.09 3.04 19.32
CA ASN B 66 -14.47 2.62 18.05
C ASN B 66 -15.17 1.44 17.39
N GLY B 67 -16.19 0.90 18.05
CA GLY B 67 -16.87 -0.29 17.52
C GLY B 67 -16.09 -1.58 17.71
N LYS B 68 -14.86 -1.50 18.19
CA LYS B 68 -14.07 -2.69 18.45
C LYS B 68 -13.94 -3.03 19.95
N GLY B 69 -14.79 -2.47 20.77
CA GLY B 69 -14.65 -2.64 22.21
C GLY B 69 -13.96 -1.49 22.96
N LYS B 70 -13.53 -0.44 22.28
CA LYS B 70 -12.94 0.68 23.02
C LYS B 70 -14.00 1.76 23.18
N GLU B 71 -14.13 2.30 24.38
CA GLU B 71 -15.04 3.41 24.65
C GLU B 71 -14.34 4.41 25.56
N LEU B 72 -14.54 5.72 25.30
CA LEU B 72 -14.03 6.76 26.19
C LEU B 72 -15.08 7.80 26.47
N MET B 73 -15.13 8.31 27.71
CA MET B 73 -16.08 9.36 28.07
C MET B 73 -15.47 10.47 28.94
N TRP B 74 -15.78 11.71 28.61
CA TRP B 74 -15.37 12.87 29.37
C TRP B 74 -16.62 13.52 29.88
N ASN B 75 -16.63 13.84 31.17
CA ASN B 75 -17.59 14.78 31.66
C ASN B 75 -17.10 16.19 31.33
N PHE B 76 -17.88 17.18 31.73
CA PHE B 76 -17.58 18.55 31.35
C PHE B 76 -16.35 19.16 32.01
N ARG B 77 -16.04 18.72 33.23
CA ARG B 77 -14.79 19.13 33.87
C ARG B 77 -13.57 18.52 33.19
N GLU B 78 -13.69 17.26 32.83
CA GLU B 78 -12.64 16.55 32.17
C GLU B 78 -12.40 17.13 30.77
N LEU B 79 -13.47 17.29 30.00
CA LEU B 79 -13.40 17.93 28.69
C LEU B 79 -12.72 19.29 28.81
N SER B 80 -13.03 20.01 29.88
CA SER B 80 -12.46 21.33 30.08
C SER B 80 -10.99 21.25 30.44
N GLU B 81 -10.69 20.40 31.39
CA GLU B 81 -9.32 20.19 31.77
C GLU B 81 -8.43 19.71 30.62
N ASN B 82 -8.94 18.74 29.87
CA ASN B 82 -8.21 18.10 28.79
C ASN B 82 -7.99 19.02 27.56
N SER B 83 -9.02 19.82 27.21
CA SER B 83 -8.89 20.80 26.12
C SER B 83 -8.05 22.01 26.54
N GLN B 84 -7.92 22.29 27.84
CA GLN B 84 -6.93 23.30 28.31
C GLN B 84 -5.51 22.75 28.11
N GLN B 85 -5.35 21.45 28.36
CA GLN B 85 -4.14 20.79 27.96
C GLN B 85 -3.94 20.99 26.45
N ALA B 86 -4.98 20.75 25.64
CA ALA B 86 -4.86 20.95 24.20
C ALA B 86 -4.32 22.38 23.95
N ALA B 87 -4.94 23.38 24.58
CA ALA B 87 -4.58 24.78 24.32
C ALA B 87 -3.10 25.03 24.66
N ASN B 88 -2.67 24.52 25.81
CA ASN B 88 -1.26 24.63 26.23
C ASN B 88 -0.29 23.93 25.27
N VAL B 89 -0.71 22.83 24.64
CA VAL B 89 0.13 22.19 23.62
C VAL B 89 0.36 23.13 22.45
N LEU B 90 -0.74 23.70 21.97
CA LEU B 90 -0.76 24.50 20.75
C LEU B 90 -0.04 25.82 21.02
N SER B 91 -0.32 26.43 22.16
CA SER B 91 0.33 27.73 22.52
C SER B 91 1.69 27.66 23.20
N GLY B 92 1.92 26.65 24.03
CA GLY B 92 3.13 26.54 24.83
C GLY B 92 4.17 25.73 24.08
N ALA B 93 3.90 24.44 23.94
CA ALA B 93 4.84 23.53 23.28
C ALA B 93 5.08 23.97 21.85
N CYS B 94 4.02 24.15 21.07
CA CYS B 94 4.15 24.52 19.64
C CYS B 94 4.29 26.00 19.38
N GLY B 95 4.19 26.82 20.42
CA GLY B 95 4.39 28.24 20.27
C GLY B 95 3.44 28.98 19.33
N LEU B 96 2.32 28.34 18.92
CA LEU B 96 1.35 29.01 18.06
C LEU B 96 0.80 30.25 18.76
N GLN B 97 0.54 31.31 17.99
CA GLN B 97 0.07 32.58 18.55
C GLN B 97 -1.30 32.97 18.06
N ARG B 98 -1.94 33.82 18.85
CA ARG B 98 -3.24 34.33 18.56
C ARG B 98 -3.24 34.76 17.12
N GLY B 99 -4.25 34.29 16.38
CA GLY B 99 -4.42 34.60 14.98
C GLY B 99 -3.79 33.62 14.01
N ASP B 100 -2.90 32.77 14.49
CA ASP B 100 -2.30 31.81 13.58
C ASP B 100 -3.38 30.83 13.13
N ARG B 101 -3.16 30.19 11.97
CA ARG B 101 -4.10 29.26 11.41
C ARG B 101 -3.58 27.86 11.52
N VAL B 102 -4.48 26.97 11.91
CA VAL B 102 -4.13 25.58 12.14
C VAL B 102 -5.03 24.67 11.30
N ALA B 103 -4.42 24.00 10.34
CA ALA B 103 -5.11 23.00 9.54
C ALA B 103 -5.34 21.81 10.45
N VAL B 104 -6.54 21.23 10.36
CA VAL B 104 -6.88 20.07 11.15
C VAL B 104 -7.51 19.01 10.23
N VAL B 105 -6.83 17.87 10.06
CA VAL B 105 -7.28 16.79 9.16
C VAL B 105 -7.19 15.48 9.91
N LEU B 106 -8.25 15.16 10.66
CA LEU B 106 -8.29 14.01 11.56
C LEU B 106 -9.55 13.20 11.30
N PRO B 107 -9.46 11.88 11.49
CA PRO B 107 -10.68 11.06 11.45
C PRO B 107 -11.53 11.31 12.73
N ARG B 108 -12.51 10.45 13.00
CA ARG B 108 -13.41 10.65 14.13
C ARG B 108 -12.83 10.11 15.42
N VAL B 109 -11.85 10.81 15.93
CA VAL B 109 -11.21 10.49 17.21
C VAL B 109 -11.35 11.68 18.15
N PRO B 110 -11.33 11.42 19.45
CA PRO B 110 -11.61 12.49 20.42
C PRO B 110 -10.71 13.73 20.27
N GLU B 111 -9.50 13.51 19.76
CA GLU B 111 -8.52 14.58 19.66
C GLU B 111 -8.99 15.66 18.72
N TRP B 112 -9.88 15.33 17.81
CA TRP B 112 -10.44 16.39 16.97
C TRP B 112 -11.18 17.41 17.85
N TRP B 113 -12.04 16.92 18.73
CA TRP B 113 -12.82 17.79 19.60
C TRP B 113 -11.88 18.51 20.56
N LEU B 114 -10.92 17.78 21.13
CA LEU B 114 -9.97 18.42 22.03
C LEU B 114 -9.18 19.52 21.30
N VAL B 115 -8.77 19.28 20.05
CA VAL B 115 -7.91 20.19 19.31
C VAL B 115 -8.66 21.46 18.95
N ILE B 116 -9.88 21.31 18.45
CA ILE B 116 -10.71 22.44 18.08
C ILE B 116 -10.96 23.34 19.27
N LEU B 117 -11.34 22.75 20.39
CA LEU B 117 -11.48 23.47 21.67
C LEU B 117 -10.16 24.13 22.04
N GLY B 118 -9.06 23.42 21.81
CA GLY B 118 -7.71 23.94 22.04
C GLY B 118 -7.42 25.22 21.28
N CYS B 119 -7.76 25.18 20.00
CA CYS B 119 -7.65 26.38 19.17
C CYS B 119 -8.47 27.52 19.72
N ILE B 120 -9.71 27.21 20.11
CA ILE B 120 -10.65 28.21 20.55
C ILE B 120 -10.15 28.87 21.84
N ARG B 121 -9.50 28.11 22.70
CA ARG B 121 -8.96 28.70 23.93
C ARG B 121 -7.77 29.60 23.63
N ALA B 122 -6.91 29.11 22.75
CA ALA B 122 -5.68 29.78 22.42
C ALA B 122 -5.86 30.85 21.34
N GLY B 123 -7.09 31.05 20.87
CA GLY B 123 -7.37 32.08 19.88
C GLY B 123 -6.73 31.78 18.53
N LEU B 124 -6.74 30.50 18.19
CA LEU B 124 -6.15 30.04 16.95
C LEU B 124 -7.27 29.81 15.95
N ILE B 125 -7.01 30.06 14.67
CA ILE B 125 -8.03 29.91 13.69
C ILE B 125 -7.96 28.49 13.19
N PHE B 126 -9.02 27.73 13.45
CA PHE B 126 -9.01 26.32 13.07
C PHE B 126 -9.60 26.10 11.69
N MET B 127 -9.00 25.19 10.93
CA MET B 127 -9.37 24.97 9.53
C MET B 127 -9.55 23.49 9.23
N PRO B 128 -10.75 22.97 9.52
CA PRO B 128 -10.99 21.56 9.35
C PRO B 128 -11.04 21.17 7.90
N GLY B 129 -10.52 20.00 7.57
CA GLY B 129 -10.70 19.36 6.28
C GLY B 129 -10.80 17.85 6.40
N THR B 130 -11.14 17.20 5.30
CA THR B 130 -11.37 15.75 5.30
C THR B 130 -10.10 14.93 5.05
N ILE B 131 -10.01 13.79 5.74
CA ILE B 131 -8.97 12.82 5.50
C ILE B 131 -9.04 12.19 4.08
N GLN B 132 -10.11 12.47 3.32
CA GLN B 132 -10.16 12.06 1.92
C GLN B 132 -9.17 12.85 1.06
N MET B 133 -8.67 13.98 1.57
CA MET B 133 -7.87 14.87 0.74
C MET B 133 -6.59 14.24 0.25
N LYS B 134 -6.19 14.66 -0.93
CA LYS B 134 -4.94 14.19 -1.49
C LYS B 134 -3.91 15.29 -1.31
N SER B 135 -2.67 14.98 -1.64
CA SER B 135 -1.59 15.91 -1.39
C SER B 135 -1.89 17.29 -1.98
N THR B 136 -2.41 17.33 -3.21
CA THR B 136 -2.64 18.62 -3.89
C THR B 136 -3.74 19.41 -3.25
N ASP B 137 -4.76 18.72 -2.75
CA ASP B 137 -5.80 19.37 -1.96
C ASP B 137 -5.16 20.10 -0.73
N ILE B 138 -4.26 19.39 -0.08
CA ILE B 138 -3.66 19.84 1.16
C ILE B 138 -2.71 20.99 0.89
N LEU B 139 -1.88 20.84 -0.14
CA LEU B 139 -0.97 21.91 -0.56
C LEU B 139 -1.80 23.16 -0.84
N TYR B 140 -2.87 23.01 -1.62
CA TYR B 140 -3.70 24.17 -1.95
C TYR B 140 -4.11 24.96 -0.70
N ARG B 141 -4.58 24.26 0.31
CA ARG B 141 -5.06 24.88 1.53
C ARG B 141 -3.96 25.52 2.41
N LEU B 142 -2.86 24.79 2.59
CA LEU B 142 -1.74 25.30 3.38
C LEU B 142 -1.10 26.54 2.76
N GLN B 143 -0.89 26.50 1.44
CA GLN B 143 -0.38 27.67 0.70
C GLN B 143 -1.38 28.82 0.74
N MET B 144 -2.62 28.54 0.37
CA MET B 144 -3.63 29.57 0.35
C MET B 144 -3.79 30.26 1.66
N SER B 145 -3.82 29.47 2.72
CA SER B 145 -4.13 29.96 4.05
C SER B 145 -2.89 30.46 4.77
N LYS B 146 -1.71 30.09 4.26
CA LYS B 146 -0.46 30.31 4.99
C LYS B 146 -0.61 29.77 6.41
N ALA B 147 -1.13 28.55 6.55
CA ALA B 147 -1.23 27.92 7.88
C ALA B 147 0.16 27.78 8.48
N LYS B 148 0.21 27.89 9.79
CA LYS B 148 1.45 27.71 10.51
C LYS B 148 1.55 26.35 11.15
N ALA B 149 0.44 25.64 11.22
CA ALA B 149 0.40 24.35 11.85
C ALA B 149 -0.55 23.42 11.10
N ILE B 150 -0.28 22.14 11.16
CA ILE B 150 -1.25 21.14 10.74
C ILE B 150 -1.30 20.09 11.82
N VAL B 151 -2.51 19.68 12.18
CA VAL B 151 -2.75 18.61 13.11
C VAL B 151 -3.37 17.53 12.22
N ALA B 152 -2.63 16.43 12.07
CA ALA B 152 -3.03 15.35 11.19
C ALA B 152 -2.92 14.02 11.89
N GLY B 153 -3.54 12.99 11.29
CA GLY B 153 -3.40 11.59 11.72
C GLY B 153 -2.64 10.75 10.71
N ASP B 154 -2.76 9.42 10.82
CA ASP B 154 -2.03 8.46 10.00
C ASP B 154 -2.48 8.48 8.56
N GLU B 155 -3.70 8.92 8.34
CA GLU B 155 -4.34 8.82 7.03
C GLU B 155 -3.66 9.70 6.00
N VAL B 156 -3.39 10.95 6.36
CA VAL B 156 -2.87 11.93 5.39
C VAL B 156 -1.42 12.32 5.64
N ILE B 157 -0.79 11.75 6.66
CA ILE B 157 0.58 12.17 7.03
C ILE B 157 1.58 12.07 5.90
N GLN B 158 1.49 11.00 5.12
CA GLN B 158 2.41 10.78 4.01
C GLN B 158 2.16 11.90 3.00
N GLU B 159 0.88 12.06 2.69
CA GLU B 159 0.42 13.12 1.83
C GLU B 159 1.03 14.46 2.25
N VAL B 160 0.86 14.81 3.52
CA VAL B 160 1.35 16.11 4.02
C VAL B 160 2.86 16.25 3.80
N ASP B 161 3.56 15.18 4.14
CA ASP B 161 5.01 15.18 3.98
C ASP B 161 5.49 15.31 2.54
N THR B 162 4.67 14.87 1.60
CA THR B 162 4.94 15.05 0.19
C THR B 162 5.14 16.51 -0.13
N VAL B 163 4.40 17.39 0.54
CA VAL B 163 4.27 18.78 0.10
C VAL B 163 4.65 19.84 1.14
N ALA B 164 5.01 19.41 2.34
CA ALA B 164 5.27 20.36 3.42
C ALA B 164 6.41 21.33 3.08
N SER B 165 7.45 20.83 2.39
CA SER B 165 8.60 21.69 2.02
C SER B 165 8.20 22.82 1.11
N GLU B 166 7.08 22.68 0.41
CA GLU B 166 6.57 23.73 -0.46
C GLU B 166 5.68 24.78 0.29
N CYS B 167 5.63 24.72 1.63
CA CYS B 167 4.76 25.63 2.40
C CYS B 167 5.54 26.43 3.42
N PRO B 168 6.05 27.60 3.03
CA PRO B 168 7.03 28.27 3.88
C PRO B 168 6.47 28.86 5.15
N SER B 169 5.16 29.05 5.25
CA SER B 169 4.59 29.49 6.54
C SER B 169 4.42 28.31 7.51
N LEU B 170 4.43 27.05 7.02
CA LEU B 170 4.13 25.90 7.88
C LEU B 170 5.30 25.60 8.81
N ARG B 171 5.08 25.76 10.11
CA ARG B 171 6.10 25.52 11.09
C ARG B 171 5.85 24.24 11.87
N ILE B 172 4.59 23.95 12.21
CA ILE B 172 4.27 22.90 13.18
C ILE B 172 3.43 21.78 12.56
N LYS B 173 3.89 20.56 12.78
CA LYS B 173 3.21 19.38 12.29
C LYS B 173 2.99 18.51 13.48
N LEU B 174 1.73 18.39 13.90
CA LEU B 174 1.35 17.65 15.10
C LEU B 174 0.62 16.43 14.66
N LEU B 175 1.09 15.25 15.08
CA LEU B 175 0.49 14.01 14.66
C LEU B 175 -0.31 13.37 15.80
N VAL B 176 -1.52 12.94 15.46
CA VAL B 176 -2.36 12.19 16.37
C VAL B 176 -2.27 10.77 15.88
N SER B 177 -1.64 9.91 16.67
CA SER B 177 -1.37 8.53 16.24
C SER B 177 -0.81 7.73 17.37
N GLU B 178 -0.94 6.41 17.27
CA GLU B 178 -0.25 5.53 18.21
C GLU B 178 1.25 5.50 17.90
N LYS B 179 1.63 5.69 16.64
CA LYS B 179 3.05 5.73 16.24
C LYS B 179 3.58 7.13 16.45
N SER B 180 4.90 7.26 16.56
CA SER B 180 5.60 8.55 16.47
C SER B 180 6.19 8.56 15.08
N CYS B 181 6.65 9.72 14.62
CA CYS B 181 7.22 9.80 13.30
C CYS B 181 8.13 11.01 13.17
N ASP B 182 9.26 10.82 12.48
CA ASP B 182 10.28 11.87 12.34
C ASP B 182 9.70 13.09 11.64
N GLY B 183 9.90 14.26 12.25
CA GLY B 183 9.36 15.49 11.71
C GLY B 183 7.97 15.87 12.23
N TRP B 184 7.34 14.99 13.02
CA TRP B 184 6.02 15.26 13.59
C TRP B 184 6.08 15.30 15.10
N LEU B 185 5.52 16.36 15.71
CA LEU B 185 5.33 16.40 17.15
C LEU B 185 4.23 15.44 17.58
N ASN B 186 4.40 14.84 18.76
CA ASN B 186 3.50 13.79 19.23
C ASN B 186 2.41 14.40 20.06
N PHE B 187 1.23 14.52 19.45
CA PHE B 187 0.14 15.19 20.12
C PHE B 187 -0.22 14.47 21.44
N LYS B 188 -0.60 13.21 21.34
CA LYS B 188 -1.09 12.49 22.52
C LYS B 188 -0.12 12.58 23.72
N LYS B 189 1.19 12.56 23.46
CA LYS B 189 2.18 12.63 24.52
C LYS B 189 2.28 14.03 25.09
N LEU B 190 2.33 15.03 24.21
CA LEU B 190 2.47 16.40 24.69
C LEU B 190 1.22 16.78 25.48
N LEU B 191 0.07 16.31 25.00
CA LEU B 191 -1.21 16.58 25.65
C LEU B 191 -1.09 16.11 27.11
N ASN B 192 -0.78 14.82 27.29
CA ASN B 192 -0.59 14.25 28.62
C ASN B 192 0.41 14.98 29.49
N GLU B 193 1.42 15.62 28.90
CA GLU B 193 2.44 16.35 29.68
C GLU B 193 2.01 17.79 30.05
N ALA B 194 0.92 18.26 29.45
CA ALA B 194 0.52 19.66 29.54
C ALA B 194 -0.28 19.95 30.82
N SER B 195 -0.18 21.20 31.30
CA SER B 195 -0.98 21.65 32.43
C SER B 195 -2.44 21.61 32.04
N THR B 196 -3.31 21.29 33.01
CA THR B 196 -4.76 21.36 32.83
C THR B 196 -5.37 22.74 33.10
N THR B 197 -4.53 23.75 33.38
CA THR B 197 -4.98 25.14 33.49
C THR B 197 -4.44 25.95 32.33
N HIS B 198 -5.33 26.54 31.53
CA HIS B 198 -4.91 27.49 30.50
C HIS B 198 -5.75 28.74 30.63
N HIS B 199 -5.16 29.92 30.45
CA HIS B 199 -5.92 31.17 30.50
C HIS B 199 -6.55 31.44 29.15
N CYS B 200 -7.86 31.37 29.12
CA CYS B 200 -8.55 31.45 27.86
C CYS B 200 -8.38 32.83 27.30
N VAL B 201 -8.06 32.94 26.01
CA VAL B 201 -7.91 34.26 25.40
C VAL B 201 -9.24 34.99 25.40
N GLU B 202 -9.19 36.29 25.66
CA GLU B 202 -10.40 37.10 25.60
C GLU B 202 -10.71 37.50 24.16
N THR B 203 -11.21 36.51 23.41
CA THR B 203 -11.50 36.66 22.00
C THR B 203 -12.69 37.56 21.78
N GLY B 204 -12.63 38.35 20.71
CA GLY B 204 -13.72 39.23 20.33
C GLY B 204 -14.81 38.47 19.59
N SER B 205 -16.04 38.96 19.74
CA SER B 205 -17.21 38.41 19.03
C SER B 205 -17.03 38.25 17.53
N GLN B 206 -16.33 39.23 16.94
CA GLN B 206 -16.20 39.31 15.51
C GLN B 206 -14.85 38.78 15.09
N GLU B 207 -14.00 38.43 16.05
CA GLU B 207 -12.63 37.94 15.73
C GLU B 207 -12.64 36.57 15.04
N ALA B 208 -11.72 36.35 14.10
CA ALA B 208 -11.73 35.13 13.27
C ALA B 208 -11.53 33.92 14.16
N SER B 209 -12.37 32.91 14.04
CA SER B 209 -12.15 31.66 14.79
C SER B 209 -11.86 30.46 13.91
N ALA B 210 -12.58 30.32 12.78
CA ALA B 210 -12.49 29.15 11.90
C ALA B 210 -12.37 29.57 10.44
N ILE B 211 -11.73 28.77 9.59
CA ILE B 211 -11.89 28.95 8.15
C ILE B 211 -12.27 27.61 7.51
N TYR B 212 -13.36 27.58 6.75
CA TYR B 212 -13.81 26.34 6.07
C TYR B 212 -13.77 26.60 4.60
N PHE B 213 -12.95 25.83 3.88
CA PHE B 213 -12.82 25.98 2.46
C PHE B 213 -14.13 25.52 1.84
N THR B 214 -14.61 26.27 0.86
CA THR B 214 -15.91 25.98 0.31
C THR B 214 -15.89 26.07 -1.22
N SER B 215 -16.55 25.13 -1.87
CA SER B 215 -16.49 25.06 -3.32
C SER B 215 -17.40 26.09 -3.94
N GLY B 216 -17.00 26.59 -5.11
CA GLY B 216 -17.77 27.63 -5.84
C GLY B 216 -18.24 27.18 -7.23
N THR B 217 -19.12 27.95 -7.80
CA THR B 217 -19.64 27.66 -9.15
C THR B 217 -18.53 27.62 -10.24
N SER B 218 -17.42 28.30 -9.99
CA SER B 218 -16.25 28.19 -10.85
C SER B 218 -15.01 28.51 -10.05
N GLY B 219 -13.87 27.99 -10.49
CA GLY B 219 -12.59 28.12 -9.80
C GLY B 219 -12.47 27.16 -8.64
N LEU B 220 -11.47 27.40 -7.78
CA LEU B 220 -11.14 26.51 -6.69
C LEU B 220 -11.61 27.04 -5.31
N PRO B 221 -11.58 26.18 -4.28
CA PRO B 221 -12.35 26.51 -3.08
C PRO B 221 -11.89 27.76 -2.33
N LYS B 222 -12.84 28.57 -1.86
CA LYS B 222 -12.49 29.82 -1.20
C LYS B 222 -12.49 29.58 0.29
N MET B 223 -11.91 30.51 1.03
CA MET B 223 -11.80 30.42 2.48
C MET B 223 -12.91 31.23 3.16
N ALA B 224 -13.90 30.49 3.68
CA ALA B 224 -15.04 31.08 4.35
C ALA B 224 -14.67 31.25 5.83
N GLU B 225 -14.59 32.49 6.29
CA GLU B 225 -14.14 32.77 7.63
C GLU B 225 -15.35 32.98 8.56
N HIS B 226 -15.38 32.20 9.65
CA HIS B 226 -16.35 32.40 10.72
C HIS B 226 -15.69 33.10 11.92
N SER B 227 -16.47 33.91 12.64
CA SER B 227 -16.08 34.47 13.95
C SER B 227 -16.42 33.56 15.13
N TYR B 228 -15.86 33.86 16.30
CA TYR B 228 -16.29 33.25 17.58
C TYR B 228 -17.81 33.34 17.84
N SER B 229 -18.42 34.43 17.41
CA SER B 229 -19.86 34.60 17.59
C SER B 229 -20.64 33.86 16.49
N SER B 230 -20.17 33.94 15.24
CA SER B 230 -20.93 33.42 14.11
C SER B 230 -21.15 31.90 14.20
N LEU B 231 -20.19 31.22 14.84
CA LEU B 231 -20.34 29.83 15.21
C LEU B 231 -20.93 29.67 16.60
N GLY B 232 -20.22 30.19 17.61
CA GLY B 232 -20.49 29.87 19.02
C GLY B 232 -21.76 30.50 19.64
N LEU B 233 -21.92 31.81 19.48
CA LEU B 233 -23.12 32.49 19.92
C LEU B 233 -24.35 32.00 19.12
N LYS B 234 -24.18 31.86 17.80
CA LYS B 234 -25.25 31.37 16.92
C LYS B 234 -25.74 30.01 17.36
N ALA B 235 -24.80 29.13 17.67
CA ALA B 235 -25.19 27.77 18.06
C ALA B 235 -25.87 27.84 19.45
N LYS B 236 -25.38 28.70 20.32
CA LYS B 236 -26.06 28.87 21.62
C LYS B 236 -27.51 29.21 21.40
N MET B 237 -27.78 30.05 20.39
CA MET B 237 -29.13 30.50 20.15
C MET B 237 -30.01 29.53 19.36
N ASP B 238 -29.42 28.64 18.56
CA ASP B 238 -30.22 27.63 17.87
C ASP B 238 -30.41 26.42 18.77
N ALA B 239 -29.52 26.30 19.75
CA ALA B 239 -29.49 25.11 20.60
C ALA B 239 -30.89 24.74 21.09
N GLY B 240 -31.28 23.50 20.86
CA GLY B 240 -32.60 23.06 21.25
C GLY B 240 -33.52 22.78 20.07
N TRP B 241 -33.24 23.36 18.91
CA TRP B 241 -34.16 23.20 17.78
C TRP B 241 -34.45 21.74 17.43
N THR B 242 -33.46 20.91 17.70
CA THR B 242 -33.47 19.47 17.53
C THR B 242 -34.47 18.74 18.44
N GLY B 243 -34.78 19.33 19.61
CA GLY B 243 -35.55 18.64 20.64
C GLY B 243 -34.67 18.07 21.76
N LEU B 244 -33.36 18.28 21.68
CA LEU B 244 -32.39 17.84 22.71
C LEU B 244 -32.56 18.56 24.01
N GLN B 245 -32.33 17.83 25.11
CA GLN B 245 -32.37 18.39 26.46
C GLN B 245 -31.07 18.13 27.18
N ALA B 246 -30.85 18.77 28.33
CA ALA B 246 -29.50 18.74 28.96
C ALA B 246 -29.05 17.34 29.32
N SER B 247 -30.01 16.43 29.45
CA SER B 247 -29.75 15.09 29.98
C SER B 247 -29.69 14.03 28.89
N ASP B 248 -29.77 14.47 27.62
CA ASP B 248 -29.75 13.53 26.46
C ASP B 248 -28.41 13.36 25.80
N ILE B 249 -28.35 12.35 24.93
CA ILE B 249 -27.19 12.07 24.06
C ILE B 249 -27.56 12.26 22.59
N MET B 250 -26.73 13.02 21.84
CA MET B 250 -26.96 13.28 20.41
C MET B 250 -25.80 12.77 19.60
N TRP B 251 -26.11 12.03 18.55
CA TRP B 251 -25.12 11.49 17.64
C TRP B 251 -25.25 12.19 16.27
N THR B 252 -24.27 13.02 15.94
CA THR B 252 -24.13 13.61 14.61
C THR B 252 -23.21 12.76 13.73
N ILE B 253 -23.68 12.27 12.60
CA ILE B 253 -22.88 11.42 11.74
C ILE B 253 -22.31 12.26 10.57
N SER B 254 -21.03 12.55 10.62
CA SER B 254 -20.39 13.50 9.74
C SER B 254 -18.88 13.29 9.73
N ASP B 255 -18.28 13.48 8.56
CA ASP B 255 -16.84 13.68 8.43
C ASP B 255 -16.48 14.87 9.29
N THR B 256 -15.36 14.81 10.01
CA THR B 256 -14.96 15.93 10.89
C THR B 256 -14.67 17.24 10.16
N GLY B 257 -14.37 17.15 8.88
CA GLY B 257 -14.06 18.34 8.14
C GLY B 257 -15.21 19.28 7.84
N TRP B 258 -16.46 18.82 7.88
CA TRP B 258 -17.54 19.70 7.41
C TRP B 258 -18.02 20.61 8.53
N ILE B 259 -18.58 21.77 8.14
CA ILE B 259 -19.16 22.67 9.11
C ILE B 259 -20.26 22.00 9.96
N LEU B 260 -20.87 20.94 9.42
CA LEU B 260 -21.86 20.13 10.15
C LEU B 260 -21.32 19.67 11.49
N ASN B 261 -20.08 19.25 11.48
CA ASN B 261 -19.45 18.80 12.69
C ASN B 261 -19.38 19.91 13.77
N ILE B 262 -18.84 21.10 13.49
CA ILE B 262 -18.60 22.05 14.59
C ILE B 262 -19.96 22.48 15.15
N LEU B 263 -20.94 22.63 14.27
CA LEU B 263 -22.25 23.13 14.63
C LEU B 263 -23.09 22.14 15.41
N CYS B 264 -23.15 20.90 14.97
CA CYS B 264 -24.09 19.91 15.52
C CYS B 264 -23.45 18.86 16.37
N SER B 265 -22.32 18.31 15.97
CA SER B 265 -21.57 17.40 16.85
C SER B 265 -20.95 18.10 18.05
N LEU B 266 -20.47 19.34 17.90
CA LEU B 266 -19.78 20.00 19.03
C LEU B 266 -20.64 21.05 19.74
N MET B 267 -21.02 22.12 19.08
CA MET B 267 -21.68 23.23 19.79
C MET B 267 -23.15 23.00 20.28
N GLU B 268 -23.95 22.31 19.49
CA GLU B 268 -25.37 22.19 19.81
C GLU B 268 -25.50 21.55 21.19
N PRO B 269 -24.97 20.32 21.35
CA PRO B 269 -25.16 19.67 22.62
C PRO B 269 -24.40 20.37 23.74
N TRP B 270 -23.19 20.88 23.49
CA TRP B 270 -22.45 21.46 24.62
C TRP B 270 -23.02 22.79 25.04
N ALA B 271 -23.78 23.44 24.16
CA ALA B 271 -24.52 24.64 24.55
C ALA B 271 -25.55 24.29 25.62
N LEU B 272 -26.12 23.09 25.53
CA LEU B 272 -27.18 22.67 26.45
C LEU B 272 -26.68 21.89 27.66
N GLY B 273 -25.38 21.58 27.65
CA GLY B 273 -24.81 20.68 28.61
C GLY B 273 -25.13 19.21 28.35
N ALA B 274 -25.51 18.86 27.13
CA ALA B 274 -25.89 17.48 26.81
C ALA B 274 -24.65 16.76 26.32
N CYS B 275 -24.79 15.45 26.13
CA CYS B 275 -23.67 14.61 25.71
C CYS B 275 -23.68 14.42 24.23
N THR B 276 -22.49 14.46 23.61
CA THR B 276 -22.33 14.22 22.16
C THR B 276 -21.64 12.87 21.95
N PHE B 277 -22.20 12.08 21.04
CA PHE B 277 -21.73 10.72 20.80
C PHE B 277 -20.92 10.68 19.52
N VAL B 278 -19.76 10.05 19.56
CA VAL B 278 -18.95 9.90 18.37
C VAL B 278 -18.57 8.43 18.17
N HIS B 279 -18.89 7.91 16.99
CA HIS B 279 -18.42 6.57 16.57
C HIS B 279 -17.30 6.75 15.53
N LEU B 280 -16.15 6.11 15.74
CA LEU B 280 -15.05 6.24 14.77
C LEU B 280 -15.61 5.96 13.39
N LEU B 281 -16.44 4.91 13.30
CA LEU B 281 -17.20 4.59 12.11
C LEU B 281 -16.24 4.65 10.92
N PRO B 282 -15.13 3.87 10.99
CA PRO B 282 -14.06 3.97 10.00
C PRO B 282 -14.45 3.60 8.57
N LYS B 283 -15.47 2.76 8.43
CA LYS B 283 -16.13 2.51 7.15
C LYS B 283 -17.57 2.86 7.40
N PHE B 284 -18.16 3.60 6.50
CA PHE B 284 -19.49 4.13 6.74
C PHE B 284 -20.39 2.95 6.51
N ASP B 285 -20.82 2.32 7.59
CA ASP B 285 -21.53 1.08 7.49
C ASP B 285 -22.90 1.23 8.15
N PRO B 286 -23.98 1.23 7.35
CA PRO B 286 -25.33 1.44 7.88
C PRO B 286 -25.73 0.40 8.91
N LEU B 287 -25.25 -0.82 8.74
CA LEU B 287 -25.46 -1.87 9.72
C LEU B 287 -24.81 -1.50 11.06
N VAL B 288 -23.60 -0.93 11.06
CA VAL B 288 -23.00 -0.48 12.32
C VAL B 288 -23.81 0.68 12.88
N ILE B 289 -24.30 1.53 12.02
CA ILE B 289 -25.09 2.64 12.49
C ILE B 289 -26.30 2.08 13.23
N LEU B 290 -26.90 1.05 12.64
CA LEU B 290 -28.15 0.50 13.14
C LEU B 290 -27.91 -0.21 14.45
N LYS B 291 -26.87 -1.02 14.50
CA LYS B 291 -26.46 -1.67 15.77
C LYS B 291 -26.16 -0.61 16.84
N THR B 292 -25.49 0.47 16.47
CA THR B 292 -25.13 1.52 17.46
C THR B 292 -26.39 2.16 18.02
N LEU B 293 -27.30 2.58 17.15
CA LEU B 293 -28.59 3.10 17.61
C LEU B 293 -29.34 2.15 18.51
N SER B 294 -29.26 0.83 18.30
CA SER B 294 -30.01 -0.14 19.14
C SER B 294 -29.28 -0.56 20.41
N SER B 295 -28.04 -0.11 20.62
CA SER B 295 -27.20 -0.58 21.75
C SER B 295 -26.84 0.53 22.73
N TYR B 296 -26.98 1.78 22.30
CA TYR B 296 -26.73 2.89 23.16
C TYR B 296 -27.95 3.77 23.24
N PRO B 297 -28.12 4.46 24.39
CA PRO B 297 -29.25 5.34 24.57
C PRO B 297 -29.13 6.65 23.78
N ILE B 298 -29.09 6.54 22.45
CA ILE B 298 -29.01 7.75 21.61
C ILE B 298 -30.42 8.36 21.48
N LYS B 299 -30.56 9.59 21.94
CA LYS B 299 -31.88 10.22 21.88
C LYS B 299 -32.11 10.94 20.53
N SER B 300 -31.09 11.65 20.05
CA SER B 300 -31.13 12.43 18.80
C SER B 300 -30.02 12.01 17.85
N MET B 301 -30.32 12.04 16.56
CA MET B 301 -29.29 11.88 15.53
C MET B 301 -29.42 12.90 14.42
N MET B 302 -28.29 13.31 13.88
CA MET B 302 -28.20 14.25 12.75
C MET B 302 -27.36 13.58 11.68
N GLY B 303 -27.78 13.67 10.44
CA GLY B 303 -26.98 13.16 9.32
C GLY B 303 -27.57 13.71 8.04
N ALA B 304 -26.78 13.69 6.97
CA ALA B 304 -27.33 14.05 5.68
C ALA B 304 -28.41 13.05 5.28
N PRO B 305 -29.34 13.46 4.41
CA PRO B 305 -30.41 12.55 4.03
C PRO B 305 -29.87 11.22 3.48
N ILE B 306 -28.76 11.28 2.76
CA ILE B 306 -28.18 10.04 2.25
C ILE B 306 -27.99 8.99 3.35
N VAL B 307 -27.60 9.43 4.55
CA VAL B 307 -27.47 8.50 5.67
C VAL B 307 -28.79 7.81 5.94
N TYR B 308 -29.88 8.56 5.96
CA TYR B 308 -31.18 7.93 6.27
C TYR B 308 -31.55 6.94 5.14
N ARG B 309 -31.12 7.28 3.94
CA ARG B 309 -31.45 6.46 2.76
C ARG B 309 -30.68 5.13 2.71
N MET B 310 -29.43 5.15 3.17
CA MET B 310 -28.67 3.91 3.31
C MET B 310 -29.28 3.02 4.37
N LEU B 311 -29.65 3.64 5.50
CA LEU B 311 -30.26 2.93 6.58
C LEU B 311 -31.55 2.26 6.09
N LEU B 312 -32.38 2.98 5.36
CA LEU B 312 -33.65 2.43 4.84
C LEU B 312 -33.46 1.29 3.84
N GLN B 313 -32.25 1.13 3.30
CA GLN B 313 -32.00 -0.01 2.43
C GLN B 313 -31.78 -1.28 3.22
N GLN B 314 -31.58 -1.15 4.52
CA GLN B 314 -31.35 -2.31 5.38
C GLN B 314 -32.70 -2.85 5.85
N ASP B 315 -32.68 -3.97 6.53
CA ASP B 315 -33.89 -4.48 7.19
C ASP B 315 -34.00 -3.97 8.64
N LEU B 316 -34.72 -2.86 8.79
CA LEU B 316 -34.89 -2.22 10.08
C LEU B 316 -35.75 -3.00 11.08
N SER B 317 -36.52 -3.96 10.58
CA SER B 317 -37.26 -4.87 11.47
C SER B 317 -36.34 -5.62 12.42
N SER B 318 -35.10 -5.90 11.98
CA SER B 318 -34.09 -6.56 12.82
C SER B 318 -33.57 -5.68 13.98
N TYR B 319 -33.93 -4.40 13.98
CA TYR B 319 -33.41 -3.46 14.97
C TYR B 319 -34.55 -2.75 15.66
N LYS B 320 -34.33 -2.43 16.93
CA LYS B 320 -35.22 -1.53 17.65
C LYS B 320 -34.40 -0.50 18.44
N PHE B 321 -34.90 0.72 18.48
CA PHE B 321 -34.19 1.81 19.17
C PHE B 321 -35.19 2.78 19.71
N PRO B 322 -35.96 2.34 20.72
CA PRO B 322 -37.05 3.11 21.34
C PRO B 322 -36.56 4.35 22.00
N HIS B 323 -35.30 4.38 22.39
CA HIS B 323 -34.77 5.59 22.97
C HIS B 323 -34.65 6.70 21.96
N LEU B 324 -34.47 6.36 20.68
CA LEU B 324 -34.32 7.42 19.68
C LEU B 324 -35.62 8.15 19.44
N GLN B 325 -35.59 9.45 19.67
CA GLN B 325 -36.77 10.29 19.50
C GLN B 325 -36.66 11.43 18.49
N ASN B 326 -35.46 11.93 18.19
CA ASN B 326 -35.27 13.10 17.34
C ASN B 326 -34.28 12.83 16.20
N CYS B 327 -34.78 12.74 14.96
CA CYS B 327 -33.93 12.54 13.81
C CYS B 327 -34.00 13.81 12.99
N VAL B 328 -32.85 14.39 12.71
CA VAL B 328 -32.81 15.57 11.91
C VAL B 328 -31.84 15.38 10.76
N THR B 329 -31.92 16.28 9.82
CA THR B 329 -31.12 16.15 8.62
C THR B 329 -30.81 17.54 8.05
N VAL B 330 -29.66 17.65 7.38
CA VAL B 330 -29.29 18.84 6.60
C VAL B 330 -28.37 18.40 5.47
N GLY B 331 -28.14 19.26 4.50
CA GLY B 331 -27.16 19.00 3.42
C GLY B 331 -27.77 18.72 2.04
N GLU B 332 -29.03 18.29 2.01
CA GLU B 332 -29.62 17.72 0.79
C GLU B 332 -31.12 17.87 0.95
N SER B 333 -31.86 17.90 -0.13
CA SER B 333 -33.31 17.85 -0.01
C SER B 333 -33.79 16.51 0.63
N LEU B 334 -34.67 16.60 1.64
CA LEU B 334 -35.28 15.40 2.21
C LEU B 334 -36.47 15.07 1.34
N LEU B 335 -36.40 13.95 0.66
CA LEU B 335 -37.52 13.50 -0.21
C LEU B 335 -38.72 13.13 0.60
N PRO B 336 -39.91 13.52 0.17
CA PRO B 336 -41.12 13.16 0.92
C PRO B 336 -41.26 11.65 1.10
N GLU B 337 -40.78 10.90 0.12
CA GLU B 337 -40.83 9.44 0.16
C GLU B 337 -39.88 8.93 1.21
N THR B 338 -38.73 9.59 1.36
CA THR B 338 -37.77 9.24 2.43
C THR B 338 -38.41 9.54 3.77
N LEU B 339 -38.94 10.75 3.90
CA LEU B 339 -39.62 11.12 5.14
C LEU B 339 -40.65 10.08 5.45
N GLU B 340 -41.41 9.63 4.44
CA GLU B 340 -42.56 8.74 4.66
C GLU B 340 -42.11 7.35 5.06
N ASN B 341 -41.17 6.83 4.29
CA ASN B 341 -40.58 5.50 4.59
C ASN B 341 -40.04 5.42 6.02
N TRP B 342 -39.30 6.44 6.47
CA TRP B 342 -38.71 6.41 7.81
C TRP B 342 -39.81 6.39 8.85
N ARG B 343 -40.84 7.22 8.67
CA ARG B 343 -42.00 7.19 9.55
C ARG B 343 -42.55 5.77 9.56
N ALA B 344 -42.83 5.22 8.36
CA ALA B 344 -43.46 3.88 8.29
C ALA B 344 -42.62 2.82 8.95
N GLN B 345 -41.30 2.89 8.77
CA GLN B 345 -40.43 1.86 9.31
C GLN B 345 -40.02 2.06 10.79
N THR B 346 -39.90 3.30 11.27
CA THR B 346 -39.40 3.52 12.64
C THR B 346 -40.40 4.19 13.56
N GLY B 347 -41.48 4.74 13.00
CA GLY B 347 -42.44 5.51 13.79
C GLY B 347 -42.00 6.92 14.09
N LEU B 348 -40.86 7.34 13.55
CA LEU B 348 -40.26 8.65 13.84
C LEU B 348 -40.38 9.59 12.64
N ASP B 349 -40.49 10.88 12.91
CA ASP B 349 -40.30 11.90 11.87
C ASP B 349 -38.84 12.18 11.62
N ILE B 350 -38.51 12.67 10.45
CA ILE B 350 -37.23 13.36 10.27
C ILE B 350 -37.55 14.83 10.06
N ARG B 351 -36.92 15.69 10.84
CA ARG B 351 -37.08 17.12 10.72
C ARG B 351 -35.92 17.70 9.97
N GLU B 352 -36.24 18.38 8.89
CA GLU B 352 -35.23 18.91 7.98
C GLU B 352 -34.70 20.28 8.43
N SER B 353 -33.44 20.55 8.06
CA SER B 353 -32.88 21.87 8.08
C SER B 353 -32.02 22.13 6.85
N TYR B 354 -31.68 23.40 6.64
CA TYR B 354 -31.10 23.91 5.41
C TYR B 354 -30.07 25.01 5.76
N GLY B 355 -28.95 24.98 5.06
CA GLY B 355 -27.91 25.95 5.30
C GLY B 355 -26.72 25.73 4.38
N GLN B 356 -25.71 26.57 4.54
CA GLN B 356 -24.47 26.38 3.82
C GLN B 356 -23.37 26.84 4.74
N THR B 357 -22.15 26.56 4.31
CA THR B 357 -20.96 26.88 5.07
C THR B 357 -20.97 28.31 5.51
N GLU B 358 -21.37 29.20 4.62
CA GLU B 358 -21.29 30.60 4.89
C GLU B 358 -22.31 31.07 5.89
N THR B 359 -23.42 30.37 6.03
CA THR B 359 -24.55 30.88 6.82
C THR B 359 -24.93 29.97 7.97
N GLY B 360 -24.27 28.83 8.07
CA GLY B 360 -24.71 27.80 8.96
C GLY B 360 -26.17 27.48 8.74
N LEU B 361 -26.80 27.10 9.84
CA LEU B 361 -28.18 26.69 9.89
C LEU B 361 -29.06 27.89 9.60
N THR B 362 -29.67 27.85 8.43
CA THR B 362 -30.40 28.98 7.95
C THR B 362 -31.90 28.81 8.06
N CYS B 363 -32.41 27.62 7.70
CA CYS B 363 -33.80 27.24 7.96
C CYS B 363 -33.90 25.89 8.64
N MET B 364 -34.89 25.72 9.51
CA MET B 364 -35.11 24.41 10.14
C MET B 364 -36.56 24.19 10.57
N VAL B 365 -36.94 22.91 10.63
CA VAL B 365 -38.17 22.46 11.29
C VAL B 365 -37.80 22.07 12.71
N SER B 366 -38.18 22.90 13.67
CA SER B 366 -37.89 22.65 15.08
C SER B 366 -38.86 21.62 15.61
N LYS B 367 -38.58 21.11 16.81
CA LYS B 367 -39.34 19.99 17.39
C LYS B 367 -40.85 20.19 17.34
N THR B 368 -41.26 21.42 17.67
CA THR B 368 -42.66 21.78 17.86
C THR B 368 -43.34 22.28 16.59
N MET B 369 -42.62 22.32 15.47
CA MET B 369 -43.26 22.74 14.24
C MET B 369 -43.85 21.57 13.52
N LYS B 370 -45.02 21.80 12.95
CA LYS B 370 -45.62 20.85 12.04
C LYS B 370 -44.66 20.69 10.87
N ILE B 371 -44.52 19.46 10.41
CA ILE B 371 -43.73 19.09 9.25
C ILE B 371 -44.62 19.16 8.00
N LYS B 372 -44.10 19.78 6.96
CA LYS B 372 -44.70 19.80 5.65
C LYS B 372 -43.76 19.09 4.69
N PRO B 373 -44.14 17.88 4.24
CA PRO B 373 -43.27 17.14 3.35
C PRO B 373 -42.80 17.96 2.16
N GLY B 374 -41.49 17.97 1.92
CA GLY B 374 -40.96 18.70 0.76
C GLY B 374 -40.54 20.13 1.05
N TYR B 375 -40.74 20.58 2.29
CA TYR B 375 -40.32 21.90 2.76
C TYR B 375 -39.28 21.77 3.83
N MET B 376 -38.28 22.66 3.82
CA MET B 376 -37.19 22.58 4.79
C MET B 376 -37.31 23.51 6.00
N GLY B 377 -38.51 24.01 6.25
CA GLY B 377 -38.75 24.80 7.44
C GLY B 377 -38.65 26.32 7.32
N THR B 378 -38.46 26.97 8.46
CA THR B 378 -38.59 28.40 8.59
C THR B 378 -37.26 28.97 9.02
N ALA B 379 -37.15 30.30 9.02
CA ALA B 379 -35.91 31.02 9.34
C ALA B 379 -35.35 30.59 10.65
N ALA B 380 -34.02 30.48 10.72
CA ALA B 380 -33.34 30.43 12.02
C ALA B 380 -33.70 31.69 12.72
N SER B 381 -33.57 31.69 14.04
CA SER B 381 -34.12 32.79 14.81
C SER B 381 -33.30 34.04 14.70
N CYS B 382 -32.07 33.92 14.26
CA CYS B 382 -31.30 35.13 14.01
C CYS B 382 -31.55 35.77 12.68
N TYR B 383 -32.33 35.13 11.82
CA TYR B 383 -32.24 35.40 10.40
C TYR B 383 -33.54 35.82 9.87
N ASP B 384 -33.50 36.84 9.02
CA ASP B 384 -34.62 37.22 8.21
C ASP B 384 -34.42 36.58 6.85
N VAL B 385 -35.07 35.44 6.61
CA VAL B 385 -34.87 34.75 5.35
C VAL B 385 -36.06 35.05 4.45
N GLN B 386 -35.77 35.37 3.20
CA GLN B 386 -36.77 35.71 2.22
C GLN B 386 -36.42 35.15 0.86
N ILE B 387 -37.42 35.09 -0.02
CA ILE B 387 -37.22 34.85 -1.44
C ILE B 387 -37.11 36.23 -2.08
N ILE B 388 -36.05 36.51 -2.82
CA ILE B 388 -35.86 37.85 -3.38
C ILE B 388 -35.67 37.85 -4.89
N ASP B 389 -36.05 38.95 -5.53
CA ASP B 389 -36.06 39.05 -6.99
C ASP B 389 -34.75 39.63 -7.51
N ASP B 390 -34.68 39.81 -8.83
CA ASP B 390 -33.45 40.19 -9.54
C ASP B 390 -32.83 41.47 -8.99
N LYS B 391 -33.69 42.37 -8.51
CA LYS B 391 -33.31 43.68 -7.95
C LYS B 391 -33.15 43.66 -6.43
N GLY B 392 -33.38 42.51 -5.79
CA GLY B 392 -33.22 42.39 -4.36
C GLY B 392 -34.46 42.65 -3.52
N ASN B 393 -35.62 42.80 -4.16
CA ASN B 393 -36.87 43.00 -3.44
C ASN B 393 -37.47 41.69 -2.87
N VAL B 394 -38.03 41.76 -1.66
CA VAL B 394 -38.75 40.65 -1.06
C VAL B 394 -39.96 40.33 -1.94
N LEU B 395 -40.13 39.06 -2.25
CA LEU B 395 -41.22 38.58 -3.12
C LEU B 395 -42.38 38.10 -2.25
N PRO B 396 -43.56 37.98 -2.84
CA PRO B 396 -44.67 37.44 -2.02
C PRO B 396 -44.62 35.93 -1.89
N PRO B 397 -45.36 35.37 -0.94
CA PRO B 397 -45.36 33.92 -0.86
C PRO B 397 -45.80 33.29 -2.18
N GLY B 398 -45.37 32.06 -2.44
CA GLY B 398 -45.76 31.38 -3.67
C GLY B 398 -45.06 31.79 -4.94
N THR B 399 -44.04 32.64 -4.84
CA THR B 399 -43.32 33.11 -6.00
C THR B 399 -41.89 32.60 -5.94
N GLU B 400 -41.44 31.94 -7.00
CA GLU B 400 -40.09 31.42 -7.03
C GLU B 400 -39.10 32.55 -7.20
N GLY B 401 -38.04 32.53 -6.40
CA GLY B 401 -36.97 33.47 -6.53
C GLY B 401 -35.71 32.92 -5.86
N ASP B 402 -34.78 33.82 -5.56
CA ASP B 402 -33.51 33.48 -4.90
C ASP B 402 -33.60 33.60 -3.35
N ILE B 403 -33.05 32.61 -2.64
CA ILE B 403 -33.16 32.59 -1.18
C ILE B 403 -32.11 33.51 -0.57
N GLY B 404 -32.53 34.36 0.37
CA GLY B 404 -31.65 35.41 0.87
C GLY B 404 -31.76 35.61 2.34
N ILE B 405 -30.70 36.11 2.95
CA ILE B 405 -30.72 36.47 4.36
C ILE B 405 -30.45 37.95 4.47
N ARG B 406 -31.36 38.68 5.08
CA ARG B 406 -31.12 40.09 5.30
C ARG B 406 -29.81 40.29 6.05
N VAL B 407 -28.91 41.06 5.44
CA VAL B 407 -27.64 41.38 6.07
C VAL B 407 -27.42 42.88 6.18
N LYS B 408 -28.38 43.68 5.70
CA LYS B 408 -28.35 45.11 5.91
C LYS B 408 -29.69 45.59 6.45
N PRO B 409 -29.66 46.55 7.37
CA PRO B 409 -28.51 47.27 7.90
C PRO B 409 -27.75 46.52 9.01
N ILE B 410 -28.46 45.65 9.74
CA ILE B 410 -27.83 44.75 10.71
C ILE B 410 -27.48 43.34 10.13
N ARG B 411 -26.20 42.98 10.20
CA ARG B 411 -25.74 41.62 9.90
C ARG B 411 -26.03 40.64 11.05
N PRO B 412 -26.83 39.60 10.78
CA PRO B 412 -27.25 38.79 11.90
C PRO B 412 -26.13 37.90 12.42
N ILE B 413 -26.23 37.57 13.70
CA ILE B 413 -25.35 36.61 14.34
C ILE B 413 -25.48 35.28 13.62
N GLY B 414 -24.35 34.70 13.20
CA GLY B 414 -24.31 33.43 12.46
C GLY B 414 -23.81 33.49 11.03
N ILE B 415 -23.79 34.67 10.41
CA ILE B 415 -23.28 34.81 9.04
C ILE B 415 -21.77 34.93 9.13
N PHE B 416 -21.08 34.27 8.21
CA PHE B 416 -19.65 34.28 8.23
C PHE B 416 -19.14 35.70 7.99
N SER B 417 -17.83 35.87 8.11
CA SER B 417 -17.19 37.17 8.01
C SER B 417 -16.74 37.53 6.61
N GLY B 418 -16.72 36.54 5.70
CA GLY B 418 -16.42 36.80 4.30
C GLY B 418 -15.40 35.80 3.80
N TYR B 419 -15.11 35.86 2.52
CA TYR B 419 -14.08 35.02 1.94
C TYR B 419 -12.69 35.65 2.17
N VAL B 420 -11.82 34.97 2.92
CA VAL B 420 -10.54 35.56 3.25
C VAL B 420 -9.77 35.98 1.99
N ASP B 421 -9.22 37.18 2.02
CA ASP B 421 -8.46 37.76 0.93
C ASP B 421 -9.29 38.06 -0.32
N ASN B 422 -10.60 37.96 -0.23
CA ASN B 422 -11.40 38.08 -1.43
C ASN B 422 -12.74 38.83 -1.22
N PRO B 423 -12.64 40.10 -0.81
CA PRO B 423 -13.85 40.87 -0.55
C PRO B 423 -14.72 41.05 -1.80
N ASP B 424 -14.10 41.01 -2.97
CA ASP B 424 -14.84 41.14 -4.19
C ASP B 424 -15.84 39.99 -4.32
N LYS B 425 -15.37 38.76 -4.14
CA LYS B 425 -16.26 37.61 -4.26
C LYS B 425 -17.37 37.68 -3.19
N THR B 426 -17.05 38.24 -2.05
CA THR B 426 -18.04 38.40 -0.99
C THR B 426 -19.11 39.37 -1.40
N ALA B 427 -18.70 40.49 -1.97
CA ALA B 427 -19.60 41.55 -2.43
C ALA B 427 -20.48 40.97 -3.50
N ALA B 428 -19.90 40.05 -4.24
CA ALA B 428 -20.55 39.50 -5.37
C ALA B 428 -21.80 38.73 -5.00
N ASN B 429 -21.89 38.19 -3.78
CA ASN B 429 -23.11 37.45 -3.37
C ASN B 429 -24.05 38.27 -2.58
N ILE B 430 -23.76 39.56 -2.42
CA ILE B 430 -24.71 40.48 -1.79
C ILE B 430 -25.52 41.20 -2.86
N ARG B 431 -26.83 41.10 -2.73
CA ARG B 431 -27.76 41.79 -3.60
C ARG B 431 -28.65 42.61 -2.71
N GLY B 432 -28.61 43.92 -2.92
CA GLY B 432 -29.32 44.85 -2.08
C GLY B 432 -28.91 44.63 -0.65
N ASP B 433 -29.92 44.45 0.20
CA ASP B 433 -29.75 44.14 1.60
C ASP B 433 -29.53 42.66 1.90
N PHE B 434 -29.50 41.82 0.87
CA PHE B 434 -29.52 40.40 1.11
C PHE B 434 -28.25 39.68 0.68
N TRP B 435 -27.81 38.75 1.53
CA TRP B 435 -26.82 37.73 1.13
C TRP B 435 -27.53 36.59 0.38
N LEU B 436 -27.02 36.26 -0.79
CA LEU B 436 -27.61 35.20 -1.65
C LEU B 436 -26.99 33.83 -1.33
N LEU B 437 -27.84 32.87 -1.01
CA LEU B 437 -27.41 31.50 -0.81
C LEU B 437 -27.05 30.83 -2.12
N GLY B 438 -27.58 31.31 -3.24
CA GLY B 438 -27.35 30.68 -4.53
C GLY B 438 -28.29 29.53 -4.78
N ASP B 439 -29.32 29.40 -3.95
CA ASP B 439 -30.38 28.43 -4.17
C ASP B 439 -31.68 29.13 -4.50
N ARG B 440 -32.47 28.54 -5.40
CA ARG B 440 -33.83 29.04 -5.68
C ARG B 440 -34.74 28.47 -4.61
N GLY B 441 -35.88 29.12 -4.36
CA GLY B 441 -36.91 28.57 -3.52
C GLY B 441 -38.20 29.33 -3.61
N ILE B 442 -39.19 28.82 -2.89
CA ILE B 442 -40.50 29.42 -2.78
C ILE B 442 -40.88 29.40 -1.31
N LYS B 443 -41.56 30.42 -0.83
CA LYS B 443 -41.91 30.50 0.56
C LYS B 443 -43.41 30.36 0.61
N ASP B 444 -43.94 29.51 1.50
CA ASP B 444 -45.44 29.36 1.60
C ASP B 444 -46.02 30.32 2.61
N GLU B 445 -47.30 30.17 2.88
CA GLU B 445 -48.04 31.15 3.63
C GLU B 445 -47.62 31.22 5.07
N ASP B 446 -47.03 30.16 5.56
CA ASP B 446 -46.62 30.14 6.95
C ASP B 446 -45.14 30.42 7.03
N GLY B 447 -44.49 30.74 5.90
CA GLY B 447 -43.05 31.04 5.92
C GLY B 447 -42.14 29.83 5.78
N TYR B 448 -42.72 28.67 5.45
CA TYR B 448 -41.91 27.45 5.23
C TYR B 448 -41.27 27.57 3.85
N PHE B 449 -40.04 27.16 3.73
CA PHE B 449 -39.36 27.28 2.47
C PHE B 449 -39.31 25.93 1.75
N GLN B 450 -39.49 25.98 0.44
CA GLN B 450 -39.27 24.85 -0.44
C GLN B 450 -38.12 25.13 -1.37
N PHE B 451 -37.12 24.26 -1.34
CA PHE B 451 -35.93 24.39 -2.17
C PHE B 451 -36.32 24.09 -3.61
N MET B 452 -35.84 24.89 -4.57
CA MET B 452 -36.20 24.71 -5.98
C MET B 452 -35.02 24.55 -6.93
N GLY B 453 -33.83 24.32 -6.38
CA GLY B 453 -32.65 24.05 -7.18
C GLY B 453 -31.57 25.06 -6.91
N ARG B 454 -30.31 24.62 -7.05
CA ARG B 454 -29.15 25.51 -7.16
C ARG B 454 -29.29 26.38 -8.37
N ALA B 455 -28.94 27.65 -8.22
CA ALA B 455 -29.08 28.57 -9.32
C ALA B 455 -27.81 28.71 -10.12
N ASP B 456 -26.78 27.92 -9.83
CA ASP B 456 -25.51 28.06 -10.53
C ASP B 456 -24.93 26.69 -10.83
N ASP B 457 -23.62 26.58 -11.05
CA ASP B 457 -23.03 25.34 -11.54
C ASP B 457 -22.57 24.45 -10.43
N ILE B 458 -22.75 24.85 -9.16
CA ILE B 458 -22.32 23.96 -8.07
C ILE B 458 -23.11 22.66 -8.17
N ILE B 459 -22.42 21.54 -7.89
CA ILE B 459 -23.04 20.20 -7.86
C ILE B 459 -23.19 19.74 -6.40
N ASN B 460 -24.36 19.20 -6.07
CA ASN B 460 -24.65 18.60 -4.74
C ASN B 460 -24.88 17.12 -4.90
N SER B 461 -23.93 16.35 -4.43
CA SER B 461 -23.99 14.94 -4.63
C SER B 461 -23.80 14.36 -3.26
N SER B 462 -24.87 13.74 -2.78
CA SER B 462 -24.87 13.05 -1.51
C SER B 462 -24.47 13.96 -0.40
N GLY B 463 -24.90 15.20 -0.49
CA GLY B 463 -24.60 16.13 0.55
C GLY B 463 -23.22 16.75 0.46
N TYR B 464 -22.49 16.49 -0.61
CA TYR B 464 -21.23 17.21 -0.84
C TYR B 464 -21.49 18.39 -1.72
N ARG B 465 -20.69 19.43 -1.54
CA ARG B 465 -20.72 20.64 -2.37
C ARG B 465 -19.51 20.64 -3.27
N ILE B 466 -19.76 20.39 -4.56
CA ILE B 466 -18.65 20.11 -5.50
C ILE B 466 -18.54 21.21 -6.55
N GLY B 467 -17.36 21.83 -6.58
CA GLY B 467 -17.03 22.80 -7.61
C GLY B 467 -16.61 22.16 -8.94
N PRO B 468 -17.34 22.43 -10.00
CA PRO B 468 -17.06 21.82 -11.29
C PRO B 468 -15.60 21.96 -11.81
N SER B 469 -14.97 23.10 -11.52
CA SER B 469 -13.56 23.35 -11.88
C SER B 469 -12.58 22.43 -11.20
N GLU B 470 -12.93 21.97 -10.03
CA GLU B 470 -12.04 21.06 -9.32
C GLU B 470 -11.97 19.72 -10.10
N VAL B 471 -13.13 19.22 -10.49
CA VAL B 471 -13.17 17.96 -11.20
C VAL B 471 -12.65 18.11 -12.66
N GLU B 472 -12.94 19.24 -13.29
CA GLU B 472 -12.41 19.54 -14.63
C GLU B 472 -10.88 19.62 -14.69
N ASN B 473 -10.25 20.34 -13.75
CA ASN B 473 -8.79 20.38 -13.67
C ASN B 473 -8.24 18.97 -13.54
N ALA B 474 -8.89 18.19 -12.68
CA ALA B 474 -8.49 16.82 -12.41
C ALA B 474 -8.51 16.02 -13.71
N LEU B 475 -9.62 16.09 -14.42
CA LEU B 475 -9.73 15.42 -15.71
C LEU B 475 -8.73 15.95 -16.72
N MET B 476 -8.49 17.27 -16.72
CA MET B 476 -7.65 17.88 -17.76
C MET B 476 -6.21 17.46 -17.69
N GLU B 477 -5.78 16.97 -16.55
CA GLU B 477 -4.39 16.44 -16.38
C GLU B 477 -4.14 15.18 -17.19
N HIS B 478 -5.21 14.45 -17.52
CA HIS B 478 -5.07 13.18 -18.24
C HIS B 478 -4.85 13.38 -19.77
N PRO B 479 -3.89 12.66 -20.37
CA PRO B 479 -3.59 12.94 -21.80
C PRO B 479 -4.80 12.75 -22.69
N ALA B 480 -5.71 11.89 -22.29
CA ALA B 480 -6.86 11.58 -23.10
C ALA B 480 -7.86 12.74 -23.22
N VAL B 481 -7.81 13.71 -22.31
CA VAL B 481 -8.87 14.72 -22.25
C VAL B 481 -8.38 15.99 -22.84
N VAL B 482 -9.01 16.44 -23.92
CA VAL B 482 -8.61 17.73 -24.49
C VAL B 482 -9.47 18.88 -23.98
N GLU B 483 -10.73 18.57 -23.74
CA GLU B 483 -11.67 19.53 -23.18
C GLU B 483 -12.70 18.79 -22.34
N THR B 484 -13.18 19.40 -21.26
CA THR B 484 -14.25 18.74 -20.47
C THR B 484 -15.18 19.75 -19.78
N ALA B 485 -16.43 19.39 -19.64
CA ALA B 485 -17.37 20.17 -18.79
C ALA B 485 -17.96 19.24 -17.78
N VAL B 486 -17.97 19.64 -16.51
CA VAL B 486 -18.62 18.86 -15.42
C VAL B 486 -19.90 19.49 -14.81
N ILE B 487 -20.97 18.69 -14.80
CA ILE B 487 -22.28 19.13 -14.37
C ILE B 487 -22.95 18.05 -13.51
N SER B 488 -24.10 18.40 -12.96
CA SER B 488 -24.84 17.51 -12.09
C SER B 488 -25.72 16.61 -12.95
N SER B 489 -25.96 15.40 -12.50
CA SER B 489 -26.84 14.53 -13.21
C SER B 489 -27.80 13.93 -12.19
N PRO B 490 -29.10 13.89 -12.50
CA PRO B 490 -30.05 13.34 -11.56
C PRO B 490 -29.72 11.92 -11.23
N ASP B 491 -29.88 11.53 -9.98
CA ASP B 491 -29.72 10.15 -9.53
C ASP B 491 -30.78 9.81 -8.49
N PRO B 492 -31.47 8.65 -8.66
CA PRO B 492 -32.47 8.25 -7.65
C PRO B 492 -31.92 8.34 -6.24
N VAL B 493 -30.76 7.73 -6.02
CA VAL B 493 -30.29 7.43 -4.67
C VAL B 493 -29.57 8.59 -3.99
N ARG B 494 -28.67 9.19 -4.75
CA ARG B 494 -27.73 10.19 -4.25
C ARG B 494 -28.22 11.60 -4.53
N GLY B 495 -29.38 11.67 -5.19
CA GLY B 495 -30.02 12.90 -5.65
C GLY B 495 -29.51 13.37 -6.98
N GLU B 496 -28.20 13.37 -7.08
CA GLU B 496 -27.53 14.02 -8.10
C GLU B 496 -26.09 13.49 -8.04
N VAL B 497 -25.49 13.28 -9.20
CA VAL B 497 -24.12 12.81 -9.29
C VAL B 497 -23.35 13.69 -10.27
N VAL B 498 -22.04 13.73 -10.05
CA VAL B 498 -21.08 14.47 -10.86
C VAL B 498 -20.92 13.77 -12.18
N LYS B 499 -21.28 14.45 -13.27
CA LYS B 499 -21.12 13.87 -14.61
C LYS B 499 -20.14 14.70 -15.43
N ALA B 500 -19.25 14.02 -16.17
CA ALA B 500 -18.27 14.72 -17.01
C ALA B 500 -18.58 14.45 -18.49
N PHE B 501 -18.66 15.55 -19.25
CA PHE B 501 -18.58 15.48 -20.69
C PHE B 501 -17.13 15.69 -21.04
N VAL B 502 -16.61 14.81 -21.89
CA VAL B 502 -15.21 14.79 -22.22
C VAL B 502 -15.04 14.78 -23.70
N VAL B 503 -14.23 15.68 -24.22
CA VAL B 503 -13.82 15.62 -25.61
C VAL B 503 -12.49 14.91 -25.59
N LEU B 504 -12.36 13.85 -26.38
CA LEU B 504 -11.21 12.99 -26.30
C LEU B 504 -10.10 13.41 -27.28
N ALA B 505 -8.86 13.31 -26.81
CA ALA B 505 -7.69 13.30 -27.68
C ALA B 505 -7.95 12.17 -28.71
N SER B 506 -7.68 12.47 -29.97
CA SER B 506 -8.03 11.55 -31.03
C SER B 506 -7.39 10.17 -30.89
N GLN B 507 -6.15 10.08 -30.41
CA GLN B 507 -5.50 8.77 -30.31
C GLN B 507 -6.29 7.88 -29.37
N PHE B 508 -7.04 8.47 -28.46
CA PHE B 508 -7.77 7.65 -27.50
C PHE B 508 -9.12 7.16 -28.03
N LEU B 509 -9.49 7.58 -29.23
CA LEU B 509 -10.81 7.21 -29.79
C LEU B 509 -10.93 5.71 -30.03
N SER B 510 -9.80 5.06 -30.19
CA SER B 510 -9.77 3.64 -30.43
C SER B 510 -9.88 2.85 -29.11
N HIS B 511 -9.57 3.43 -27.95
CA HIS B 511 -9.65 2.66 -26.70
C HIS B 511 -11.07 2.16 -26.45
N ASP B 512 -11.20 1.06 -25.73
CA ASP B 512 -12.51 0.65 -25.20
C ASP B 512 -13.02 1.76 -24.30
N PRO B 513 -14.23 2.23 -24.55
CA PRO B 513 -14.86 3.28 -23.77
C PRO B 513 -15.03 3.02 -22.27
N GLU B 514 -15.49 1.83 -21.91
CA GLU B 514 -15.67 1.47 -20.51
C GLU B 514 -14.31 1.41 -19.81
N GLN B 515 -13.32 0.84 -20.46
CA GLN B 515 -11.97 0.82 -19.92
C GLN B 515 -11.53 2.28 -19.67
N LEU B 516 -11.71 3.13 -20.68
CA LEU B 516 -11.19 4.50 -20.61
C LEU B 516 -11.92 5.28 -19.55
N THR B 517 -13.24 5.09 -19.47
CA THR B 517 -14.04 5.73 -18.42
C THR B 517 -13.53 5.40 -17.03
N LYS B 518 -13.25 4.12 -16.80
CA LYS B 518 -12.73 3.70 -15.51
C LYS B 518 -11.32 4.22 -15.26
N GLU B 519 -10.52 4.34 -16.29
CA GLU B 519 -9.17 4.90 -16.11
C GLU B 519 -9.27 6.38 -15.65
N LEU B 520 -10.18 7.12 -16.27
CA LEU B 520 -10.36 8.53 -15.97
C LEU B 520 -10.93 8.67 -14.57
N GLN B 521 -11.96 7.90 -14.28
CA GLN B 521 -12.56 7.95 -12.92
C GLN B 521 -11.47 7.69 -11.88
N GLN B 522 -10.63 6.71 -12.17
CA GLN B 522 -9.58 6.34 -11.26
C GLN B 522 -8.58 7.47 -11.13
N HIS B 523 -8.36 8.13 -12.26
CA HIS B 523 -7.41 9.23 -12.27
C HIS B 523 -7.89 10.37 -11.39
N VAL B 524 -9.19 10.65 -11.41
CA VAL B 524 -9.66 11.79 -10.61
C VAL B 524 -9.51 11.45 -9.14
N LYS B 525 -9.90 10.23 -8.82
CA LYS B 525 -9.88 9.74 -7.45
C LYS B 525 -8.47 9.79 -6.91
N SER B 526 -7.48 9.62 -7.80
CA SER B 526 -6.10 9.59 -7.32
C SER B 526 -5.48 10.95 -7.01
N VAL B 527 -5.97 12.02 -7.63
CA VAL B 527 -5.35 13.31 -7.42
C VAL B 527 -6.14 14.29 -6.56
N THR B 528 -7.40 14.00 -6.27
CA THR B 528 -8.20 14.87 -5.44
C THR B 528 -9.22 14.05 -4.66
N ALA B 529 -9.75 14.61 -3.57
CA ALA B 529 -10.60 13.83 -2.65
C ALA B 529 -11.61 13.08 -3.46
N PRO B 530 -11.65 11.76 -3.33
CA PRO B 530 -12.41 10.85 -4.15
C PRO B 530 -13.91 11.10 -4.21
N TYR B 531 -14.47 11.79 -3.24
CA TYR B 531 -15.92 12.04 -3.25
C TYR B 531 -16.40 12.87 -4.43
N LYS B 532 -15.49 13.55 -5.15
CA LYS B 532 -15.94 14.44 -6.22
C LYS B 532 -15.80 13.85 -7.61
N TYR B 533 -15.45 12.57 -7.72
CA TYR B 533 -15.16 12.00 -9.03
C TYR B 533 -16.39 11.82 -9.90
N PRO B 534 -16.21 11.83 -11.24
CA PRO B 534 -17.31 11.73 -12.20
C PRO B 534 -17.86 10.33 -12.29
N ARG B 535 -19.02 10.11 -11.70
CA ARG B 535 -19.67 8.78 -11.71
C ARG B 535 -20.30 8.46 -13.06
N LYS B 536 -20.64 9.50 -13.80
CA LYS B 536 -20.97 9.38 -15.20
C LYS B 536 -19.91 10.11 -16.01
N ILE B 537 -19.57 9.57 -17.18
CA ILE B 537 -18.75 10.26 -18.17
C ILE B 537 -19.36 10.04 -19.55
N GLU B 538 -19.51 11.11 -20.32
CA GLU B 538 -19.95 11.00 -21.70
C GLU B 538 -18.90 11.62 -22.58
N PHE B 539 -18.50 10.89 -23.63
CA PHE B 539 -17.60 11.45 -24.61
C PHE B 539 -18.40 12.13 -25.69
N VAL B 540 -17.93 13.30 -26.08
CA VAL B 540 -18.60 14.13 -27.10
C VAL B 540 -17.57 14.74 -28.05
N LEU B 541 -18.04 15.33 -29.15
CA LEU B 541 -17.14 16.00 -30.11
C LEU B 541 -16.96 17.46 -29.79
N ASN B 542 -17.94 18.04 -29.10
CA ASN B 542 -17.88 19.46 -28.75
C ASN B 542 -18.76 19.83 -27.58
N LEU B 543 -18.35 20.92 -26.92
CA LEU B 543 -19.08 21.52 -25.82
C LEU B 543 -19.65 22.88 -26.27
N PRO B 544 -20.94 23.16 -25.99
CA PRO B 544 -21.54 24.46 -26.34
C PRO B 544 -20.96 25.62 -25.56
N LYS B 545 -20.86 26.77 -26.23
CA LYS B 545 -20.16 27.93 -25.68
C LYS B 545 -20.80 29.25 -26.05
N THR B 546 -20.40 30.27 -25.29
CA THR B 546 -20.83 31.62 -25.55
C THR B 546 -19.95 32.13 -26.68
N VAL B 547 -20.36 33.23 -27.29
CA VAL B 547 -19.55 33.85 -28.31
C VAL B 547 -18.22 34.28 -27.72
N THR B 548 -18.18 34.52 -26.40
CA THR B 548 -16.91 34.84 -25.74
C THR B 548 -16.07 33.58 -25.49
N GLY B 549 -16.61 32.41 -25.85
CA GLY B 549 -15.90 31.13 -25.73
C GLY B 549 -16.07 30.40 -24.40
N LYS B 550 -17.00 30.85 -23.56
CA LYS B 550 -17.24 30.21 -22.26
C LYS B 550 -18.26 29.08 -22.41
N ILE B 551 -17.95 27.94 -21.79
CA ILE B 551 -18.81 26.74 -21.81
C ILE B 551 -20.14 26.97 -21.10
N GLN B 552 -21.20 26.51 -21.74
CA GLN B 552 -22.53 26.74 -21.23
C GLN B 552 -23.01 25.53 -20.47
N ARG B 553 -22.49 25.39 -19.26
CA ARG B 553 -22.86 24.25 -18.41
C ARG B 553 -24.36 24.13 -18.21
N ALA B 554 -25.01 25.29 -18.06
CA ALA B 554 -26.47 25.36 -17.87
C ALA B 554 -27.21 24.66 -19.01
N LYS B 555 -26.73 24.88 -20.24
CA LYS B 555 -27.28 24.24 -21.42
C LYS B 555 -27.14 22.72 -21.27
N LEU B 556 -25.92 22.25 -20.97
CA LEU B 556 -25.68 20.80 -20.78
C LEU B 556 -26.55 20.30 -19.65
N ARG B 557 -26.60 21.06 -18.58
CA ARG B 557 -27.38 20.64 -17.42
C ARG B 557 -28.87 20.47 -17.76
N ASP B 558 -29.45 21.43 -18.47
CA ASP B 558 -30.84 21.32 -18.86
C ASP B 558 -31.09 20.08 -19.70
N LYS B 559 -30.31 19.85 -20.76
CA LYS B 559 -30.49 18.66 -21.60
C LYS B 559 -30.37 17.39 -20.75
N GLU B 560 -29.39 17.36 -19.84
CA GLU B 560 -29.17 16.17 -18.98
C GLU B 560 -30.33 15.87 -18.01
N TRP B 561 -31.13 16.87 -17.65
CA TRP B 561 -32.31 16.62 -16.79
C TRP B 561 -33.61 16.47 -17.63
N LYS B 562 -34.16 15.25 -17.61
CA LYS B 562 -35.37 14.89 -18.39
C LYS B 562 -35.17 15.10 -19.88
#